data_5NQP
#
_entry.id   5NQP
#
_cell.length_a   100.720
_cell.length_b   171.420
_cell.length_c   131.460
_cell.angle_alpha   90.00
_cell.angle_beta   90.00
_cell.angle_gamma   90.00
#
_symmetry.space_group_name_H-M   'C 2 2 21'
#
loop_
_entity.id
_entity.type
_entity.pdbx_description
1 polymer 'Factor H binding protein variant B16_001,Major outer membrane protein P.IA,Factor H binding protein variant B16_001'
2 non-polymer 'SULFATE ION'
3 non-polymer 1,2-ETHANEDIOL
4 non-polymer 'CHLORIDE ION'
5 water water
#
_entity_poly.entity_id   1
_entity_poly.type   'polypeptide(L)'
_entity_poly.pdbx_seq_one_letter_code
;MGVAADIGAGLADALTAPLDHKDKSLQSLTLDQSVRKNEKLKLAAQGAEKTYGNGDSLNTGKLKNDKVSRFDFIRQIEVD
YYTKDTNNNLTLVPQLITLESGEFQVYKQSHSALTALQTEQVQDSEHSGKMVAKRQFRIGDIAGEHTSFDKLPEGGRATY
RGTAFGSDDASGKLTYTIDFAAKQGHGKIEHLKSPELNVDLAASDIKPDKKRHAVISGSVLYNQAEKGSYSLGIFGGQAQ
EVAGSAEVETANGIRHIGLAAKQLEHHHHHH
;
_entity_poly.pdbx_strand_id   C,A,B
#
loop_
_chem_comp.id
_chem_comp.type
_chem_comp.name
_chem_comp.formula
CL non-polymer 'CHLORIDE ION' 'Cl -1'
EDO non-polymer 1,2-ETHANEDIOL 'C2 H6 O2'
SO4 non-polymer 'SULFATE ION' 'O4 S -2'
#
# COMPACT_ATOMS: atom_id res chain seq x y z
N ALA A 9 -1.43 -42.87 -8.84
CA ALA A 9 -0.40 -41.85 -8.58
C ALA A 9 0.57 -41.76 -9.75
N GLY A 10 0.33 -40.85 -10.68
CA GLY A 10 1.22 -40.79 -11.82
C GLY A 10 2.50 -40.02 -11.60
N LEU A 11 2.75 -39.55 -10.37
CA LEU A 11 3.98 -38.81 -10.11
C LEU A 11 5.13 -39.79 -9.96
N ALA A 12 4.96 -40.77 -9.08
CA ALA A 12 5.95 -41.84 -8.96
C ALA A 12 6.10 -42.58 -10.28
N ASP A 13 5.02 -42.71 -11.05
CA ASP A 13 5.14 -43.28 -12.39
C ASP A 13 6.04 -42.41 -13.27
N ALA A 14 5.88 -41.09 -13.18
CA ALA A 14 6.78 -40.21 -13.90
C ALA A 14 8.22 -40.31 -13.41
N LEU A 15 8.42 -40.74 -12.17
CA LEU A 15 9.77 -40.83 -11.61
C LEU A 15 10.45 -42.18 -11.84
N THR A 16 9.70 -43.25 -12.02
CA THR A 16 10.29 -44.59 -12.13
C THR A 16 10.08 -45.25 -13.48
N ALA A 17 8.91 -45.08 -14.09
CA ALA A 17 8.62 -45.74 -15.36
C ALA A 17 9.32 -45.04 -16.51
N PRO A 18 9.66 -45.78 -17.56
CA PRO A 18 10.27 -45.17 -18.74
C PRO A 18 9.22 -44.53 -19.64
N LEU A 19 9.70 -43.89 -20.71
CA LEU A 19 8.82 -43.24 -21.67
C LEU A 19 7.92 -44.26 -22.36
N ASP A 20 6.79 -43.78 -22.87
CA ASP A 20 5.82 -44.64 -23.54
C ASP A 20 5.11 -43.83 -24.62
N HIS A 21 4.81 -44.49 -25.74
CA HIS A 21 4.17 -43.81 -26.85
C HIS A 21 2.65 -43.71 -26.67
N LYS A 22 2.05 -44.68 -26.00
CA LYS A 22 0.61 -44.66 -25.76
C LYS A 22 0.22 -43.77 -24.59
N ASP A 23 1.18 -43.13 -23.92
CA ASP A 23 0.84 -42.11 -22.94
C ASP A 23 0.19 -40.92 -23.65
N LYS A 24 -0.62 -40.18 -22.91
CA LYS A 24 -1.43 -39.14 -23.53
C LYS A 24 -0.59 -37.90 -23.82
N SER A 25 -0.77 -37.35 -25.02
CA SER A 25 -0.34 -35.99 -25.39
C SER A 25 1.17 -35.88 -25.27
N LEU A 26 1.71 -34.89 -24.54
CA LEU A 26 3.15 -34.64 -24.53
C LEU A 26 3.86 -35.75 -23.78
N GLN A 27 4.68 -36.51 -24.49
CA GLN A 27 5.38 -37.64 -23.88
C GLN A 27 6.54 -37.18 -23.00
N SER A 28 7.47 -36.43 -23.58
CA SER A 28 8.75 -36.15 -22.92
C SER A 28 9.01 -34.65 -22.87
N LEU A 29 9.84 -34.26 -21.90
CA LEU A 29 10.26 -32.88 -21.71
C LEU A 29 11.73 -32.87 -21.31
N THR A 30 12.58 -32.25 -22.12
CA THR A 30 14.01 -32.22 -21.86
C THR A 30 14.32 -31.15 -20.81
N LEU A 31 15.02 -31.55 -19.75
CA LEU A 31 15.38 -30.65 -18.65
C LEU A 31 16.72 -30.02 -18.93
N ASP A 32 16.72 -28.84 -19.54
CA ASP A 32 17.97 -28.14 -19.85
C ASP A 32 18.22 -26.95 -18.93
N GLN A 33 17.23 -26.08 -18.75
CA GLN A 33 17.40 -24.92 -17.88
C GLN A 33 17.23 -25.25 -16.40
N SER A 34 16.57 -26.35 -16.07
CA SER A 34 16.32 -26.70 -14.68
C SER A 34 17.56 -27.29 -14.01
N VAL A 35 18.48 -27.86 -14.77
CA VAL A 35 19.71 -28.44 -14.23
C VAL A 35 20.86 -28.05 -15.15
N ARG A 36 21.97 -27.63 -14.55
CA ARG A 36 23.15 -27.25 -15.31
C ARG A 36 24.09 -28.45 -15.42
N LYS A 37 25.17 -28.26 -16.17
CA LYS A 37 26.18 -29.31 -16.26
C LYS A 37 26.83 -29.51 -14.89
N ASN A 38 27.22 -30.75 -14.62
CA ASN A 38 27.82 -31.22 -13.38
C ASN A 38 26.84 -31.21 -12.20
N GLU A 39 25.60 -30.79 -12.39
CA GLU A 39 24.63 -30.77 -11.30
C GLU A 39 23.76 -32.02 -11.30
N LYS A 40 23.18 -32.30 -10.14
CA LYS A 40 22.24 -33.40 -9.94
C LYS A 40 20.96 -32.80 -9.36
N LEU A 41 19.84 -33.01 -10.04
CA LEU A 41 18.54 -32.52 -9.59
C LEU A 41 17.69 -33.73 -9.19
N LYS A 42 17.49 -33.92 -7.89
CA LYS A 42 16.76 -35.07 -7.39
C LYS A 42 15.31 -34.66 -7.09
N LEU A 43 14.37 -35.32 -7.76
CA LEU A 43 12.94 -35.11 -7.56
C LEU A 43 12.36 -36.29 -6.80
N ALA A 44 11.44 -36.01 -5.88
CA ALA A 44 10.82 -37.04 -5.05
C ALA A 44 9.35 -36.72 -4.88
N ALA A 45 8.52 -37.76 -5.00
CA ALA A 45 7.08 -37.64 -4.84
C ALA A 45 6.49 -39.04 -4.77
N GLN A 46 5.41 -39.17 -3.98
CA GLN A 46 4.69 -40.44 -3.84
C GLN A 46 5.64 -41.56 -3.40
N GLY A 47 6.66 -41.22 -2.63
CA GLY A 47 7.62 -42.21 -2.17
C GLY A 47 8.66 -42.65 -3.18
N ALA A 48 8.79 -41.94 -4.30
CA ALA A 48 9.76 -42.27 -5.32
C ALA A 48 10.73 -41.11 -5.51
N GLU A 49 11.89 -41.41 -6.11
CA GLU A 49 12.93 -40.41 -6.29
C GLU A 49 13.74 -40.75 -7.54
N LYS A 50 14.04 -39.72 -8.34
CA LYS A 50 14.88 -39.87 -9.50
C LYS A 50 15.84 -38.69 -9.59
N THR A 51 17.07 -38.97 -10.05
CA THR A 51 18.09 -37.95 -10.22
C THR A 51 18.24 -37.62 -11.69
N TYR A 52 18.35 -36.33 -11.99
CA TYR A 52 18.38 -35.83 -13.35
C TYR A 52 19.61 -34.98 -13.57
N GLY A 53 20.12 -35.02 -14.81
CA GLY A 53 21.26 -34.20 -15.19
C GLY A 53 20.86 -33.11 -16.16
N ASN A 54 21.61 -32.96 -17.25
CA ASN A 54 21.43 -31.82 -18.14
C ASN A 54 20.64 -32.15 -19.40
N GLY A 55 20.92 -33.27 -20.04
CA GLY A 55 20.10 -33.67 -21.16
C GLY A 55 18.88 -34.50 -20.82
N ASP A 56 18.70 -34.84 -19.54
CA ASP A 56 17.75 -35.88 -19.16
C ASP A 56 16.31 -35.44 -19.41
N SER A 57 15.47 -36.41 -19.75
CA SER A 57 14.08 -36.18 -20.07
C SER A 57 13.19 -36.53 -18.88
N LEU A 58 12.20 -35.69 -18.64
CA LEU A 58 11.20 -35.96 -17.61
C LEU A 58 9.99 -36.62 -18.28
N ASN A 59 9.54 -37.74 -17.71
CA ASN A 59 8.44 -38.50 -18.29
C ASN A 59 7.13 -37.79 -17.93
N THR A 60 6.87 -36.69 -18.64
CA THR A 60 5.63 -35.95 -18.45
C THR A 60 4.41 -36.75 -18.93
N GLY A 61 4.62 -37.78 -19.74
CA GLY A 61 3.50 -38.56 -20.24
C GLY A 61 2.67 -39.20 -19.15
N LYS A 62 3.29 -39.50 -18.00
CA LYS A 62 2.55 -40.07 -16.88
C LYS A 62 1.84 -39.02 -16.04
N LEU A 63 2.14 -37.73 -16.24
CA LEU A 63 1.49 -36.68 -15.48
C LEU A 63 0.16 -36.29 -16.14
N LYS A 64 -0.71 -35.67 -15.35
CA LYS A 64 -2.00 -35.22 -15.86
C LYS A 64 -1.85 -33.91 -16.62
N ASN A 65 -2.63 -33.77 -17.69
CA ASN A 65 -2.58 -32.55 -18.47
C ASN A 65 -3.33 -31.43 -17.75
N ASP A 66 -2.95 -30.20 -18.08
CA ASP A 66 -3.66 -29.00 -17.64
C ASP A 66 -3.68 -28.85 -16.12
N LYS A 67 -2.76 -29.51 -15.42
CA LYS A 67 -2.61 -29.39 -13.98
C LYS A 67 -1.14 -29.13 -13.67
N VAL A 68 -0.88 -28.72 -12.43
CA VAL A 68 0.48 -28.50 -11.96
C VAL A 68 0.87 -29.68 -11.08
N SER A 69 1.73 -30.54 -11.62
CA SER A 69 2.29 -31.65 -10.85
C SER A 69 3.43 -31.14 -10.00
N ARG A 70 3.46 -31.55 -8.73
CA ARG A 70 4.40 -31.02 -7.75
C ARG A 70 5.31 -32.12 -7.23
N PHE A 71 6.62 -31.86 -7.28
CA PHE A 71 7.65 -32.72 -6.72
C PHE A 71 8.43 -31.96 -5.66
N ASP A 72 9.13 -32.69 -4.81
CA ASP A 72 10.12 -32.12 -3.92
C ASP A 72 11.48 -32.22 -4.60
N PHE A 73 12.13 -31.08 -4.81
CA PHE A 73 13.41 -31.07 -5.51
C PHE A 73 14.53 -30.65 -4.58
N ILE A 74 15.69 -31.28 -4.78
CA ILE A 74 16.94 -30.86 -4.14
C ILE A 74 18.03 -30.87 -5.21
N ARG A 75 18.77 -29.78 -5.29
CA ARG A 75 19.80 -29.59 -6.30
C ARG A 75 21.16 -29.62 -5.62
N GLN A 76 21.97 -30.61 -6.01
CA GLN A 76 23.27 -30.87 -5.40
C GLN A 76 24.35 -30.95 -6.47
N ILE A 77 25.58 -30.70 -6.04
CA ILE A 77 26.75 -30.89 -6.87
C ILE A 77 27.75 -31.71 -6.06
N GLU A 78 28.49 -32.58 -6.72
CA GLU A 78 29.38 -33.53 -6.06
C GLU A 78 30.81 -33.04 -6.13
N VAL A 79 31.53 -33.12 -5.00
CA VAL A 79 32.93 -32.74 -4.90
C VAL A 79 33.70 -33.88 -4.25
N ASP A 80 34.84 -34.25 -4.84
CA ASP A 80 35.70 -35.29 -4.31
C ASP A 80 36.89 -34.62 -3.60
N TYR A 81 36.93 -34.72 -2.28
CA TYR A 81 38.01 -34.13 -1.51
C TYR A 81 39.19 -35.09 -1.43
N TYR A 82 40.37 -34.53 -1.28
CA TYR A 82 41.62 -35.29 -1.28
C TYR A 82 42.01 -35.60 0.16
N THR A 83 42.20 -36.87 0.47
CA THR A 83 42.61 -37.28 1.80
C THR A 83 43.70 -38.33 1.70
N LYS A 84 44.38 -38.52 2.83
CA LYS A 84 45.44 -39.49 2.99
C LYS A 84 44.91 -40.59 3.90
N ASP A 85 44.98 -41.84 3.43
CA ASP A 85 44.34 -42.95 4.12
C ASP A 85 45.28 -43.53 5.18
N THR A 86 45.02 -44.77 5.61
CA THR A 86 45.88 -45.42 6.60
C THR A 86 47.32 -45.47 6.12
N ASN A 87 47.51 -45.86 4.86
CA ASN A 87 48.83 -45.80 4.22
C ASN A 87 49.03 -44.38 3.68
N ASN A 88 49.98 -44.20 2.77
CA ASN A 88 50.15 -42.90 2.14
C ASN A 88 49.39 -42.82 0.82
N ASN A 89 48.33 -43.60 0.65
CA ASN A 89 47.58 -43.61 -0.60
C ASN A 89 46.56 -42.50 -0.64
N LEU A 90 46.33 -41.98 -1.85
CA LEU A 90 45.35 -40.93 -2.05
C LEU A 90 43.95 -41.53 -2.08
N THR A 91 43.07 -41.03 -1.23
CA THR A 91 41.68 -41.46 -1.19
C THR A 91 40.79 -40.25 -1.41
N LEU A 92 39.88 -40.34 -2.37
CA LEU A 92 38.93 -39.28 -2.65
C LEU A 92 37.62 -39.57 -1.92
N VAL A 93 37.15 -38.60 -1.14
CA VAL A 93 35.91 -38.72 -0.39
C VAL A 93 34.85 -37.88 -1.10
N PRO A 94 33.85 -38.48 -1.75
CA PRO A 94 32.81 -37.69 -2.42
C PRO A 94 31.89 -37.04 -1.39
N GLN A 95 31.65 -35.74 -1.56
CA GLN A 95 30.75 -34.97 -0.71
C GLN A 95 29.76 -34.23 -1.59
N LEU A 96 28.48 -34.30 -1.22
CA LEU A 96 27.41 -33.68 -2.00
C LEU A 96 27.04 -32.35 -1.37
N ILE A 97 27.35 -31.27 -2.06
CA ILE A 97 27.02 -29.91 -1.61
C ILE A 97 25.62 -29.57 -2.10
N THR A 98 24.69 -29.37 -1.16
CA THR A 98 23.32 -29.03 -1.51
C THR A 98 23.26 -27.57 -1.94
N LEU A 99 23.07 -27.34 -3.24
CA LEU A 99 23.02 -25.98 -3.76
C LEU A 99 21.67 -25.33 -3.54
N GLU A 100 20.58 -26.09 -3.70
CA GLU A 100 19.25 -25.49 -3.62
C GLU A 100 18.25 -26.55 -3.20
N SER A 101 17.07 -26.09 -2.76
CA SER A 101 16.03 -27.04 -2.37
C SER A 101 14.68 -26.34 -2.34
N GLY A 102 13.63 -27.08 -2.71
CA GLY A 102 12.27 -26.56 -2.67
C GLY A 102 11.26 -27.43 -3.41
N GLU A 103 10.28 -26.80 -4.05
CA GLU A 103 9.24 -27.51 -4.79
C GLU A 103 9.45 -27.32 -6.29
N PHE A 104 9.35 -28.42 -7.04
CA PHE A 104 9.51 -28.43 -8.48
C PHE A 104 8.12 -28.62 -9.10
N GLN A 105 7.69 -27.65 -9.89
CA GLN A 105 6.35 -27.64 -10.47
C GLN A 105 6.41 -27.82 -11.98
N VAL A 106 5.52 -28.67 -12.50
CA VAL A 106 5.47 -29.00 -13.92
C VAL A 106 4.04 -28.78 -14.41
N TYR A 107 3.89 -28.06 -15.52
CA TYR A 107 2.59 -27.89 -16.16
C TYR A 107 2.63 -28.55 -17.54
N LYS A 108 1.72 -29.49 -17.77
CA LYS A 108 1.73 -30.32 -18.96
C LYS A 108 0.54 -29.98 -19.87
N GLN A 109 0.82 -29.81 -21.15
CA GLN A 109 -0.18 -29.68 -22.20
C GLN A 109 0.08 -30.79 -23.22
N SER A 110 -0.58 -30.70 -24.38
CA SER A 110 -0.46 -31.76 -25.38
C SER A 110 0.74 -31.61 -26.30
N HIS A 111 1.16 -30.37 -26.59
CA HIS A 111 2.30 -30.12 -27.46
C HIS A 111 3.36 -29.26 -26.78
N SER A 112 3.20 -28.97 -25.50
CA SER A 112 4.13 -28.10 -24.79
C SER A 112 4.03 -28.39 -23.30
N ALA A 113 5.01 -27.89 -22.57
CA ALA A 113 5.06 -27.99 -21.11
C ALA A 113 6.11 -27.04 -20.60
N LEU A 114 6.03 -26.73 -19.31
CA LEU A 114 7.00 -25.87 -18.67
C LEU A 114 7.16 -26.30 -17.22
N THR A 115 8.34 -26.01 -16.66
CA THR A 115 8.65 -26.28 -15.27
C THR A 115 8.92 -24.97 -14.54
N ALA A 116 8.57 -24.95 -13.25
CA ALA A 116 8.84 -23.81 -12.39
C ALA A 116 9.48 -24.31 -11.10
N LEU A 117 10.37 -23.49 -10.55
CA LEU A 117 11.10 -23.83 -9.33
C LEU A 117 10.74 -22.85 -8.22
N GLN A 118 10.21 -23.41 -7.13
CA GLN A 118 9.92 -22.67 -5.90
C GLN A 118 11.02 -22.98 -4.90
N THR A 119 12.13 -22.24 -5.03
CA THR A 119 13.25 -22.35 -4.11
C THR A 119 12.80 -21.99 -2.70
N GLU A 120 12.98 -22.92 -1.77
CA GLU A 120 12.73 -22.69 -0.36
C GLU A 120 14.00 -22.43 0.43
N GLN A 121 15.10 -23.11 0.10
CA GLN A 121 16.35 -22.95 0.84
C GLN A 121 17.53 -22.98 -0.11
N VAL A 122 18.57 -22.20 0.24
CA VAL A 122 19.81 -22.12 -0.52
C VAL A 122 20.99 -22.20 0.45
N GLN A 123 22.19 -22.15 -0.11
CA GLN A 123 23.41 -22.07 0.72
C GLN A 123 23.50 -20.71 1.39
N ASP A 124 24.53 -20.55 2.22
CA ASP A 124 24.69 -19.36 3.05
C ASP A 124 25.75 -18.43 2.47
N SER A 125 25.86 -17.25 3.09
CA SER A 125 26.96 -16.34 2.78
C SER A 125 28.29 -17.00 3.13
N GLU A 126 29.21 -17.02 2.18
CA GLU A 126 30.46 -17.77 2.24
C GLU A 126 30.23 -19.26 2.47
N HIS A 127 28.99 -19.73 2.30
CA HIS A 127 28.66 -21.14 2.22
C HIS A 127 28.99 -21.87 3.53
N SER A 128 30.03 -22.70 3.50
CA SER A 128 30.52 -23.49 4.63
C SER A 128 29.57 -24.60 5.05
N GLY A 129 28.57 -24.93 4.24
CA GLY A 129 27.66 -26.02 4.51
C GLY A 129 26.32 -25.62 5.09
N LYS A 130 26.20 -24.42 5.64
CA LYS A 130 24.97 -23.98 6.28
C LYS A 130 23.94 -23.61 5.22
N MET A 131 22.71 -24.11 5.39
CA MET A 131 21.61 -23.71 4.53
C MET A 131 20.82 -22.58 5.20
N VAL A 132 20.50 -21.56 4.43
CA VAL A 132 19.59 -20.51 4.88
C VAL A 132 18.30 -20.57 4.06
N ALA A 133 17.24 -20.04 4.66
CA ALA A 133 15.92 -20.06 4.05
C ALA A 133 15.73 -18.76 3.27
N LYS A 134 15.67 -18.86 1.95
CA LYS A 134 15.45 -17.71 1.08
C LYS A 134 14.56 -18.17 -0.07
N ARG A 135 13.35 -17.63 -0.13
CA ARG A 135 12.39 -18.08 -1.12
C ARG A 135 12.62 -17.39 -2.47
N GLN A 136 12.38 -18.14 -3.55
CA GLN A 136 12.38 -17.56 -4.88
C GLN A 136 11.48 -18.41 -5.76
N PHE A 137 10.90 -17.78 -6.77
CA PHE A 137 10.08 -18.47 -7.75
C PHE A 137 10.55 -18.09 -9.14
N ARG A 138 10.99 -19.07 -9.92
CA ARG A 138 11.44 -18.76 -11.28
C ARG A 138 10.95 -19.85 -12.23
N ILE A 139 11.04 -19.56 -13.52
CA ILE A 139 10.65 -20.50 -14.57
C ILE A 139 11.86 -21.33 -14.94
N GLY A 140 11.66 -22.65 -15.06
CA GLY A 140 12.71 -23.54 -15.50
C GLY A 140 12.79 -23.67 -17.01
N ASP A 141 12.30 -24.79 -17.54
CA ASP A 141 12.31 -25.03 -18.97
C ASP A 141 10.92 -24.77 -19.55
N ILE A 142 10.89 -24.38 -20.83
CA ILE A 142 9.65 -24.22 -21.58
C ILE A 142 9.89 -24.94 -22.90
N ALA A 143 9.34 -26.14 -23.05
CA ALA A 143 9.65 -26.98 -24.20
C ALA A 143 8.37 -27.50 -24.84
N GLY A 144 8.53 -28.05 -26.03
CA GLY A 144 7.42 -28.59 -26.79
C GLY A 144 7.70 -28.52 -28.27
N GLU A 145 6.66 -28.83 -29.05
CA GLU A 145 6.74 -28.79 -30.51
C GLU A 145 6.52 -27.35 -30.94
N HIS A 146 7.61 -26.59 -31.07
CA HIS A 146 7.49 -25.19 -31.46
C HIS A 146 6.88 -25.07 -32.84
N THR A 147 5.89 -24.19 -32.97
CA THR A 147 5.29 -23.93 -34.27
C THR A 147 6.25 -23.07 -35.10
N SER A 148 6.46 -23.47 -36.34
CA SER A 148 7.32 -22.69 -37.23
C SER A 148 6.65 -21.36 -37.54
N PHE A 149 7.45 -20.29 -37.50
CA PHE A 149 6.93 -18.97 -37.87
C PHE A 149 6.51 -18.95 -39.33
N ASP A 150 7.19 -19.70 -40.18
CA ASP A 150 6.92 -19.75 -41.61
C ASP A 150 5.83 -20.73 -41.98
N LYS A 151 5.23 -21.41 -41.00
CA LYS A 151 4.11 -22.32 -41.22
C LYS A 151 2.89 -21.93 -40.41
N LEU A 152 2.76 -20.65 -40.05
CA LEU A 152 1.61 -20.19 -39.30
C LEU A 152 0.37 -20.19 -40.19
N PRO A 153 -0.82 -20.32 -39.60
CA PRO A 153 -2.06 -20.16 -40.37
C PRO A 153 -2.10 -18.79 -41.04
N GLU A 154 -2.62 -18.76 -42.26
CA GLU A 154 -2.64 -17.52 -43.02
C GLU A 154 -3.74 -16.56 -42.57
N GLY A 155 -4.75 -17.05 -41.85
CA GLY A 155 -5.82 -16.19 -41.41
C GLY A 155 -6.59 -16.81 -40.26
N GLY A 156 -7.64 -16.11 -39.84
CA GLY A 156 -8.48 -16.56 -38.77
C GLY A 156 -7.97 -16.14 -37.40
N ARG A 157 -8.87 -16.16 -36.43
CA ARG A 157 -8.55 -15.84 -35.05
C ARG A 157 -8.60 -17.12 -34.21
N ALA A 158 -7.85 -17.11 -33.11
CA ALA A 158 -7.74 -18.26 -32.24
C ALA A 158 -7.74 -17.81 -30.79
N THR A 159 -8.57 -18.46 -29.97
CA THR A 159 -8.69 -18.14 -28.55
C THR A 159 -8.10 -19.29 -27.74
N TYR A 160 -6.96 -19.02 -27.09
CA TYR A 160 -6.33 -19.95 -26.18
C TYR A 160 -6.76 -19.64 -24.76
N ARG A 161 -7.14 -20.68 -24.02
CA ARG A 161 -7.50 -20.55 -22.61
C ARG A 161 -6.63 -21.50 -21.79
N GLY A 162 -6.21 -21.05 -20.62
CA GLY A 162 -5.31 -21.84 -19.80
C GLY A 162 -5.03 -21.29 -18.42
N THR A 163 -3.83 -21.57 -17.92
CA THR A 163 -3.45 -21.32 -16.53
C THR A 163 -2.25 -20.37 -16.45
N ALA A 164 -2.33 -19.45 -15.50
CA ALA A 164 -1.22 -18.62 -15.06
C ALA A 164 -0.97 -18.96 -13.60
N PHE A 165 0.26 -19.36 -13.28
CA PHE A 165 0.59 -19.80 -11.92
C PHE A 165 1.86 -19.13 -11.44
N GLY A 166 1.84 -18.67 -10.20
CA GLY A 166 3.02 -18.04 -9.60
C GLY A 166 3.36 -18.63 -8.25
N SER A 167 4.08 -17.86 -7.44
CA SER A 167 4.48 -18.34 -6.12
C SER A 167 3.25 -18.57 -5.25
N ASP A 168 3.09 -19.82 -4.81
CA ASP A 168 2.01 -20.24 -3.90
C ASP A 168 0.62 -20.01 -4.50
N ASP A 169 0.51 -19.85 -5.82
CA ASP A 169 -0.77 -19.53 -6.43
C ASP A 169 -0.81 -20.15 -7.82
N ALA A 170 -1.63 -21.19 -7.99
CA ALA A 170 -1.78 -21.85 -9.28
C ALA A 170 -3.21 -21.75 -9.82
N SER A 171 -3.97 -20.76 -9.37
CA SER A 171 -5.35 -20.59 -9.78
C SER A 171 -5.53 -19.48 -10.80
N GLY A 172 -4.45 -18.99 -11.40
CA GLY A 172 -4.57 -17.93 -12.39
C GLY A 172 -5.21 -18.45 -13.67
N LYS A 173 -6.10 -17.64 -14.23
CA LYS A 173 -6.78 -17.94 -15.47
C LYS A 173 -6.16 -17.10 -16.58
N LEU A 174 -5.52 -17.75 -17.54
CA LEU A 174 -4.90 -17.08 -18.67
C LEU A 174 -5.84 -17.13 -19.86
N THR A 175 -6.02 -15.99 -20.51
CA THR A 175 -6.84 -15.92 -21.73
C THR A 175 -6.06 -15.15 -22.78
N TYR A 176 -5.70 -15.82 -23.86
CA TYR A 176 -4.97 -15.19 -24.95
C TYR A 176 -5.73 -15.35 -26.26
N THR A 177 -5.49 -14.40 -27.17
CA THR A 177 -6.14 -14.38 -28.47
C THR A 177 -5.11 -13.98 -29.51
N ILE A 178 -5.07 -14.72 -30.61
CA ILE A 178 -4.14 -14.46 -31.71
C ILE A 178 -4.95 -14.29 -32.97
N ASP A 179 -4.81 -13.13 -33.61
CA ASP A 179 -5.31 -12.91 -34.96
C ASP A 179 -4.16 -13.20 -35.92
N PHE A 180 -4.31 -14.25 -36.73
CA PHE A 180 -3.25 -14.68 -37.63
C PHE A 180 -3.16 -13.82 -38.89
N ALA A 181 -4.22 -13.07 -39.22
CA ALA A 181 -4.13 -12.13 -40.33
C ALA A 181 -3.22 -10.97 -39.98
N ALA A 182 -3.52 -10.27 -38.88
CA ALA A 182 -2.65 -9.21 -38.39
C ALA A 182 -1.40 -9.76 -37.72
N LYS A 183 -1.32 -11.08 -37.51
CA LYS A 183 -0.18 -11.72 -36.85
C LYS A 183 0.11 -11.05 -35.51
N GLN A 184 -0.91 -10.97 -34.67
CA GLN A 184 -0.80 -10.26 -33.39
C GLN A 184 -1.56 -11.02 -32.33
N GLY A 185 -1.14 -10.83 -31.07
CA GLY A 185 -1.80 -11.49 -29.97
C GLY A 185 -1.90 -10.57 -28.78
N HIS A 186 -2.88 -10.85 -27.92
CA HIS A 186 -3.07 -10.11 -26.68
C HIS A 186 -3.92 -10.96 -25.75
N GLY A 187 -3.79 -10.70 -24.45
CA GLY A 187 -4.52 -11.51 -23.48
C GLY A 187 -4.58 -10.83 -22.13
N LYS A 188 -5.04 -11.61 -21.14
CA LYS A 188 -5.17 -11.14 -19.78
C LYS A 188 -5.03 -12.31 -18.81
N ILE A 189 -4.53 -12.00 -17.62
CA ILE A 189 -4.46 -12.92 -16.49
C ILE A 189 -5.49 -12.49 -15.46
N GLU A 190 -6.22 -13.46 -14.91
CA GLU A 190 -7.30 -13.17 -13.98
C GLU A 190 -7.23 -14.11 -12.79
N HIS A 191 -7.90 -13.70 -11.71
CA HIS A 191 -8.24 -14.57 -10.59
C HIS A 191 -7.02 -15.09 -9.84
N LEU A 192 -5.98 -14.28 -9.73
CA LEU A 192 -4.83 -14.59 -8.89
C LEU A 192 -4.99 -13.93 -7.53
N LYS A 193 -4.44 -14.56 -6.49
CA LYS A 193 -4.59 -14.04 -5.14
C LYS A 193 -4.00 -12.63 -5.03
N SER A 194 -2.82 -12.41 -5.61
CA SER A 194 -2.23 -11.08 -5.59
C SER A 194 -2.89 -10.21 -6.64
N PRO A 195 -3.47 -9.05 -6.27
CA PRO A 195 -4.21 -8.27 -7.26
C PRO A 195 -3.31 -7.61 -8.31
N GLU A 196 -2.08 -7.23 -7.95
CA GLU A 196 -1.18 -6.60 -8.90
C GLU A 196 -0.74 -7.55 -10.01
N LEU A 197 -1.07 -8.84 -9.92
CA LEU A 197 -0.68 -9.80 -10.94
C LEU A 197 -1.78 -10.07 -11.95
N ASN A 198 -3.03 -9.73 -11.63
CA ASN A 198 -4.09 -9.81 -12.64
C ASN A 198 -3.90 -8.69 -13.66
N VAL A 199 -3.08 -8.95 -14.67
CA VAL A 199 -2.61 -7.93 -15.60
C VAL A 199 -3.12 -8.25 -17.00
N ASP A 200 -2.99 -7.27 -17.89
CA ASP A 200 -3.28 -7.43 -19.30
C ASP A 200 -1.99 -7.71 -20.05
N LEU A 201 -2.05 -8.64 -20.99
CA LEU A 201 -0.90 -8.96 -21.86
C LEU A 201 -1.10 -8.17 -23.15
N ALA A 202 -0.33 -7.08 -23.28
CA ALA A 202 -0.56 -6.10 -24.34
C ALA A 202 -0.34 -6.70 -25.71
N ALA A 203 -0.97 -6.08 -26.70
CA ALA A 203 -0.87 -6.56 -28.08
C ALA A 203 0.53 -6.35 -28.62
N SER A 204 1.11 -7.42 -29.16
CA SER A 204 2.39 -7.34 -29.83
C SER A 204 2.40 -8.33 -30.99
N ASP A 205 3.31 -8.11 -31.93
CA ASP A 205 3.35 -8.89 -33.16
C ASP A 205 4.05 -10.23 -32.94
N ILE A 206 3.69 -11.20 -33.77
CA ILE A 206 4.36 -12.49 -33.77
C ILE A 206 5.66 -12.37 -34.56
N LYS A 207 6.77 -12.82 -33.96
CA LYS A 207 8.11 -12.76 -34.53
C LYS A 207 8.73 -14.15 -34.60
N PRO A 208 9.66 -14.34 -35.55
CA PRO A 208 10.49 -15.55 -35.53
C PRO A 208 11.77 -15.37 -34.72
N ASP A 209 12.10 -16.35 -33.86
CA ASP A 209 13.33 -16.26 -33.08
C ASP A 209 14.51 -16.79 -33.89
N LYS A 210 15.60 -17.15 -33.22
CA LYS A 210 16.81 -17.52 -33.94
C LYS A 210 16.66 -18.86 -34.66
N LYS A 211 15.89 -19.79 -34.11
CA LYS A 211 15.57 -21.03 -34.81
C LYS A 211 14.29 -20.92 -35.62
N ARG A 212 13.75 -19.70 -35.76
CA ARG A 212 12.56 -19.41 -36.57
C ARG A 212 11.31 -20.08 -36.02
N HIS A 213 11.19 -20.15 -34.69
CA HIS A 213 9.95 -20.53 -34.05
C HIS A 213 9.10 -19.26 -33.86
N ALA A 214 7.79 -19.48 -33.68
CA ALA A 214 6.85 -18.39 -33.51
C ALA A 214 6.78 -17.96 -32.05
N VAL A 215 7.18 -16.72 -31.76
CA VAL A 215 7.19 -16.19 -30.40
C VAL A 215 6.56 -14.81 -30.39
N ILE A 216 5.98 -14.45 -29.24
CA ILE A 216 5.34 -13.16 -29.02
C ILE A 216 5.93 -12.55 -27.75
N SER A 217 6.45 -11.33 -27.85
CA SER A 217 7.05 -10.63 -26.72
C SER A 217 6.35 -9.29 -26.57
N GLY A 218 5.65 -9.10 -25.45
CA GLY A 218 4.87 -7.89 -25.28
C GLY A 218 5.00 -7.33 -23.88
N SER A 219 4.29 -6.24 -23.65
CA SER A 219 4.32 -5.57 -22.35
C SER A 219 3.22 -6.12 -21.46
N VAL A 220 3.49 -6.08 -20.16
CA VAL A 220 2.50 -6.42 -19.15
C VAL A 220 1.93 -5.10 -18.64
N LEU A 221 0.60 -5.01 -18.64
CA LEU A 221 -0.08 -3.78 -18.28
C LEU A 221 -0.96 -4.00 -17.05
N TYR A 222 -0.90 -3.06 -16.12
CA TYR A 222 -1.75 -3.04 -14.95
C TYR A 222 -2.50 -1.72 -14.96
N ASN A 223 -3.78 -1.76 -15.31
CA ASN A 223 -4.60 -0.55 -15.48
C ASN A 223 -4.00 0.35 -16.55
N GLN A 224 -3.68 -0.26 -17.70
CA GLN A 224 -3.08 0.42 -18.85
C GLN A 224 -1.72 1.01 -18.52
N ALA A 225 -1.06 0.48 -17.49
CA ALA A 225 0.24 0.95 -17.05
C ALA A 225 1.27 -0.15 -17.22
N GLU A 226 2.39 0.18 -17.85
CA GLU A 226 3.46 -0.79 -18.07
C GLU A 226 4.11 -1.16 -16.74
N LYS A 227 4.08 -2.44 -16.40
CA LYS A 227 4.68 -2.95 -15.17
C LYS A 227 5.38 -4.28 -15.39
N GLY A 228 5.95 -4.49 -16.57
CA GLY A 228 6.70 -5.70 -16.85
C GLY A 228 6.50 -6.14 -18.28
N SER A 229 6.80 -7.41 -18.54
CA SER A 229 6.75 -7.94 -19.89
C SER A 229 6.32 -9.40 -19.84
N TYR A 230 6.02 -9.95 -21.01
CA TYR A 230 5.65 -11.35 -21.11
C TYR A 230 6.17 -11.90 -22.43
N SER A 231 6.50 -13.19 -22.41
CA SER A 231 6.99 -13.91 -23.58
C SER A 231 6.20 -15.19 -23.72
N LEU A 232 5.66 -15.42 -24.91
CA LEU A 232 4.93 -16.63 -25.22
C LEU A 232 5.52 -17.28 -26.46
N GLY A 233 5.43 -18.60 -26.51
CA GLY A 233 5.79 -19.36 -27.70
C GLY A 233 4.57 -20.10 -28.19
N ILE A 234 4.49 -20.24 -29.51
CA ILE A 234 3.39 -20.95 -30.15
C ILE A 234 3.83 -22.39 -30.37
N PHE A 235 2.99 -23.34 -29.96
CA PHE A 235 3.34 -24.76 -30.00
C PHE A 235 2.23 -25.52 -30.72
N GLY A 236 2.65 -26.57 -31.42
CA GLY A 236 1.74 -27.39 -32.19
C GLY A 236 1.82 -27.06 -33.67
N GLY A 237 1.74 -28.08 -34.53
CA GLY A 237 1.83 -27.84 -35.96
C GLY A 237 0.70 -26.96 -36.47
N GLN A 238 -0.44 -26.97 -35.79
CA GLN A 238 -1.57 -26.13 -36.14
C GLN A 238 -1.79 -25.01 -35.12
N ALA A 239 -0.71 -24.60 -34.44
CA ALA A 239 -0.76 -23.53 -33.43
C ALA A 239 -1.79 -23.82 -32.35
N GLN A 240 -1.77 -25.06 -31.84
CA GLN A 240 -2.78 -25.46 -30.86
C GLN A 240 -2.61 -24.73 -29.53
N GLU A 241 -1.37 -24.54 -29.09
CA GLU A 241 -1.11 -24.10 -27.72
C GLU A 241 -0.15 -22.93 -27.70
N VAL A 242 -0.11 -22.25 -26.55
CA VAL A 242 0.88 -21.23 -26.26
C VAL A 242 1.45 -21.53 -24.89
N ALA A 243 2.72 -21.16 -24.69
CA ALA A 243 3.36 -21.41 -23.40
C ALA A 243 4.52 -20.45 -23.22
N GLY A 244 4.65 -19.90 -22.03
CA GLY A 244 5.70 -18.94 -21.75
C GLY A 244 5.68 -18.44 -20.32
N SER A 245 6.10 -17.20 -20.11
CA SER A 245 6.17 -16.65 -18.76
C SER A 245 5.98 -15.15 -18.83
N ALA A 246 5.84 -14.54 -17.66
CA ALA A 246 5.67 -13.11 -17.51
C ALA A 246 6.41 -12.60 -16.29
N GLU A 247 7.01 -11.42 -16.41
CA GLU A 247 7.71 -10.74 -15.33
C GLU A 247 6.94 -9.46 -15.01
N VAL A 248 6.38 -9.37 -13.80
CA VAL A 248 5.45 -8.31 -13.44
C VAL A 248 5.96 -7.61 -12.18
N GLU A 249 5.93 -6.27 -12.19
CA GLU A 249 6.31 -5.52 -11.00
C GLU A 249 5.16 -5.42 -10.02
N THR A 250 5.47 -5.61 -8.73
CA THR A 250 4.50 -5.43 -7.65
C THR A 250 5.16 -4.68 -6.51
N ALA A 251 4.33 -4.32 -5.51
CA ALA A 251 4.85 -3.64 -4.33
C ALA A 251 5.88 -4.49 -3.59
N ASN A 252 5.77 -5.82 -3.71
CA ASN A 252 6.74 -6.73 -3.15
C ASN A 252 7.86 -7.07 -4.12
N GLY A 253 8.19 -6.16 -5.04
CA GLY A 253 9.21 -6.44 -6.02
C GLY A 253 8.68 -7.17 -7.23
N ILE A 254 9.61 -7.66 -8.05
CA ILE A 254 9.26 -8.33 -9.29
C ILE A 254 8.84 -9.76 -9.00
N ARG A 255 7.73 -10.19 -9.61
CA ARG A 255 7.22 -11.54 -9.55
C ARG A 255 7.25 -12.18 -10.93
N HIS A 256 7.44 -13.50 -10.94
CA HIS A 256 7.48 -14.29 -12.16
C HIS A 256 6.27 -15.22 -12.20
N ILE A 257 5.67 -15.34 -13.38
CA ILE A 257 4.45 -16.11 -13.57
C ILE A 257 4.63 -17.04 -14.76
N GLY A 258 4.18 -18.29 -14.59
CA GLY A 258 4.16 -19.24 -15.69
C GLY A 258 2.83 -19.18 -16.42
N LEU A 259 2.90 -19.21 -17.75
CA LEU A 259 1.74 -19.08 -18.62
C LEU A 259 1.64 -20.32 -19.52
N ALA A 260 0.45 -20.88 -19.63
CA ALA A 260 0.24 -21.98 -20.57
C ALA A 260 -1.23 -22.06 -20.94
N ALA A 261 -1.53 -21.96 -22.23
CA ALA A 261 -2.92 -21.98 -22.68
C ALA A 261 -3.04 -22.85 -23.93
N LYS A 262 -4.28 -23.23 -24.22
CA LYS A 262 -4.58 -24.10 -25.36
C LYS A 262 -5.95 -23.74 -25.91
N GLN A 263 -6.16 -24.01 -27.19
CA GLN A 263 -7.50 -23.81 -27.73
C GLN A 263 -8.42 -24.91 -27.23
N LEU A 264 -9.72 -24.65 -27.29
CA LEU A 264 -10.72 -25.57 -26.77
C LEU A 264 -11.61 -26.09 -27.89
N GLU A 265 -12.56 -26.94 -27.50
CA GLU A 265 -13.48 -27.55 -28.45
C GLU A 265 -14.85 -27.76 -27.80
N GLY B 2 -47.52 -2.99 4.65
CA GLY B 2 -46.65 -1.84 4.68
C GLY B 2 -46.34 -1.33 6.08
N VAL B 3 -45.90 -2.25 6.94
CA VAL B 3 -45.58 -1.92 8.33
C VAL B 3 -44.16 -1.36 8.34
N ALA B 4 -44.03 -0.03 8.42
CA ALA B 4 -42.73 0.64 8.50
C ALA B 4 -42.33 0.71 9.97
N ALA B 5 -41.65 -0.33 10.44
CA ALA B 5 -41.25 -0.44 11.84
C ALA B 5 -40.13 0.57 12.12
N ASP B 6 -40.53 1.83 12.25
CA ASP B 6 -39.64 2.88 12.75
C ASP B 6 -39.48 2.82 14.26
N ILE B 7 -40.21 1.92 14.92
CA ILE B 7 -40.04 1.68 16.35
C ILE B 7 -38.57 1.45 16.68
N GLY B 8 -37.92 0.56 15.91
CA GLY B 8 -36.54 0.21 16.17
C GLY B 8 -35.54 1.13 15.50
N ALA B 9 -35.85 2.42 15.40
CA ALA B 9 -34.89 3.38 14.86
C ALA B 9 -33.95 3.90 15.93
N GLY B 10 -34.43 4.13 17.15
CA GLY B 10 -33.54 4.54 18.22
C GLY B 10 -33.02 5.96 18.12
N LEU B 11 -33.62 6.80 17.29
CA LEU B 11 -33.09 8.14 17.04
C LEU B 11 -33.35 9.06 18.23
N ALA B 12 -34.62 9.18 18.64
CA ALA B 12 -34.93 9.98 19.81
C ALA B 12 -34.23 9.44 21.05
N ASP B 13 -34.06 8.13 21.13
CA ASP B 13 -33.30 7.54 22.23
C ASP B 13 -31.85 8.00 22.18
N ALA B 14 -31.25 8.01 20.98
CA ALA B 14 -29.89 8.50 20.85
C ALA B 14 -29.77 9.98 21.21
N LEU B 15 -30.87 10.73 21.08
CA LEU B 15 -30.83 12.15 21.41
C LEU B 15 -31.14 12.46 22.86
N THR B 16 -31.87 11.59 23.56
CA THR B 16 -32.34 11.89 24.92
C THR B 16 -31.74 11.00 25.99
N ALA B 17 -31.54 9.72 25.72
CA ALA B 17 -30.98 8.86 26.75
C ALA B 17 -29.49 9.11 26.89
N PRO B 18 -28.92 8.90 28.07
CA PRO B 18 -27.48 9.05 28.26
C PRO B 18 -26.76 7.81 27.74
N LEU B 19 -25.44 7.86 27.79
CA LEU B 19 -24.65 6.72 27.35
C LEU B 19 -24.92 5.53 28.27
N ASP B 20 -24.69 4.34 27.76
CA ASP B 20 -24.95 3.12 28.51
C ASP B 20 -23.94 2.08 28.09
N HIS B 21 -23.53 1.26 29.07
CA HIS B 21 -22.50 0.26 28.78
C HIS B 21 -23.09 -0.98 28.14
N LYS B 22 -24.34 -1.32 28.47
CA LYS B 22 -25.01 -2.47 27.88
C LYS B 22 -25.63 -2.18 26.53
N ASP B 23 -25.54 -0.95 26.02
CA ASP B 23 -25.96 -0.69 24.65
C ASP B 23 -25.06 -1.44 23.68
N LYS B 24 -25.59 -1.71 22.48
CA LYS B 24 -24.93 -2.61 21.56
C LYS B 24 -23.75 -1.96 20.86
N SER B 25 -22.64 -2.70 20.81
CA SER B 25 -21.50 -2.45 19.90
C SER B 25 -20.91 -1.07 20.18
N LEU B 26 -20.77 -0.20 19.17
CA LEU B 26 -20.08 1.07 19.37
C LEU B 26 -20.95 2.00 20.21
N GLN B 27 -20.55 2.18 21.47
CA GLN B 27 -21.35 2.97 22.41
C GLN B 27 -21.37 4.43 21.99
N SER B 28 -20.20 5.05 21.83
CA SER B 28 -20.08 6.48 21.69
C SER B 28 -19.31 6.83 20.42
N LEU B 29 -19.55 8.04 19.94
CA LEU B 29 -18.85 8.60 18.79
C LEU B 29 -18.65 10.09 19.04
N THR B 30 -17.39 10.50 19.12
CA THR B 30 -17.06 11.89 19.39
C THR B 30 -17.24 12.75 18.14
N LEU B 31 -18.00 13.82 18.26
CA LEU B 31 -18.26 14.73 17.14
C LEU B 31 -17.18 15.80 17.16
N ASP B 32 -16.11 15.56 16.39
CA ASP B 32 -15.00 16.50 16.29
C ASP B 32 -14.99 17.24 14.96
N GLN B 33 -15.08 16.52 13.86
CA GLN B 33 -15.08 17.13 12.53
C GLN B 33 -16.44 17.68 12.15
N SER B 34 -17.50 17.22 12.82
CA SER B 34 -18.87 17.63 12.46
C SER B 34 -19.24 19.01 13.01
N VAL B 35 -18.63 19.45 14.10
CA VAL B 35 -18.94 20.76 14.70
C VAL B 35 -17.65 21.44 15.12
N ARG B 36 -17.52 22.72 14.81
CA ARG B 36 -16.33 23.48 15.17
C ARG B 36 -16.58 24.21 16.48
N LYS B 37 -15.52 24.84 16.99
CA LYS B 37 -15.63 25.63 18.21
C LYS B 37 -16.54 26.83 18.00
N ASN B 38 -17.25 27.22 19.06
CA ASN B 38 -18.22 28.31 19.10
C ASN B 38 -19.47 28.01 18.29
N GLU B 39 -19.56 26.87 17.62
CA GLU B 39 -20.72 26.49 16.83
C GLU B 39 -21.66 25.59 17.62
N LYS B 40 -22.91 25.54 17.17
CA LYS B 40 -23.93 24.67 17.75
C LYS B 40 -24.51 23.81 16.64
N LEU B 41 -24.45 22.49 16.83
CA LEU B 41 -25.02 21.55 15.86
C LEU B 41 -26.23 20.87 16.51
N LYS B 42 -27.42 21.25 16.06
CA LYS B 42 -28.67 20.73 16.63
C LYS B 42 -29.20 19.62 15.75
N LEU B 43 -29.35 18.43 16.34
CA LEU B 43 -29.92 17.27 15.67
C LEU B 43 -31.32 17.02 16.22
N ALA B 44 -32.24 16.66 15.33
CA ALA B 44 -33.64 16.44 15.71
C ALA B 44 -34.20 15.24 14.96
N ALA B 45 -34.96 14.41 15.68
CA ALA B 45 -35.61 13.25 15.09
C ALA B 45 -36.61 12.69 16.08
N GLN B 46 -37.71 12.16 15.55
CA GLN B 46 -38.74 11.51 16.36
C GLN B 46 -39.24 12.41 17.49
N GLY B 47 -39.30 13.71 17.21
CA GLY B 47 -39.77 14.68 18.18
C GLY B 47 -38.78 15.07 19.25
N ALA B 48 -37.51 14.71 19.10
CA ALA B 48 -36.48 15.07 20.06
C ALA B 48 -35.40 15.90 19.38
N GLU B 49 -34.63 16.61 20.21
CA GLU B 49 -33.58 17.48 19.71
C GLU B 49 -32.47 17.58 20.75
N LYS B 50 -31.23 17.53 20.28
CA LYS B 50 -30.08 17.73 21.15
C LYS B 50 -29.07 18.62 20.45
N THR B 51 -28.40 19.46 21.23
CA THR B 51 -27.39 20.38 20.72
C THR B 51 -26.00 19.86 21.05
N TYR B 52 -25.10 19.92 20.07
CA TYR B 52 -23.76 19.35 20.20
C TYR B 52 -22.71 20.41 19.90
N GLY B 53 -21.59 20.28 20.60
CA GLY B 53 -20.43 21.12 20.42
C GLY B 53 -19.25 20.36 19.84
N ASN B 54 -18.07 20.51 20.43
CA ASN B 54 -16.86 19.98 19.82
C ASN B 54 -16.35 18.70 20.47
N GLY B 55 -16.32 18.63 21.79
CA GLY B 55 -15.93 17.34 22.35
C GLY B 55 -17.06 16.36 22.51
N ASP B 56 -18.28 16.79 22.22
CA ASP B 56 -19.48 16.06 22.62
C ASP B 56 -19.61 14.74 21.89
N SER B 57 -20.17 13.76 22.59
CA SER B 57 -20.30 12.40 22.09
C SER B 57 -21.73 12.15 21.61
N LEU B 58 -21.83 11.46 20.46
CA LEU B 58 -23.12 11.02 19.94
C LEU B 58 -23.37 9.59 20.40
N ASN B 59 -24.54 9.36 21.00
CA ASN B 59 -24.88 8.05 21.57
C ASN B 59 -25.31 7.12 20.44
N THR B 60 -24.31 6.62 19.70
CA THR B 60 -24.59 5.66 18.64
C THR B 60 -25.10 4.33 19.19
N GLY B 61 -24.92 4.06 20.48
CA GLY B 61 -25.37 2.79 21.03
C GLY B 61 -26.86 2.57 20.89
N LYS B 62 -27.63 3.66 20.85
CA LYS B 62 -29.07 3.55 20.66
C LYS B 62 -29.47 3.37 19.20
N LEU B 63 -28.55 3.57 18.27
CA LEU B 63 -28.80 3.39 16.85
C LEU B 63 -28.61 1.93 16.46
N LYS B 64 -29.24 1.55 15.35
CA LYS B 64 -29.10 0.21 14.83
C LYS B 64 -27.83 0.10 13.99
N ASN B 65 -27.18 -1.06 14.06
CA ASN B 65 -25.95 -1.28 13.33
C ASN B 65 -26.24 -1.52 11.85
N ASP B 66 -25.24 -1.24 11.02
CA ASP B 66 -25.26 -1.57 9.60
C ASP B 66 -26.38 -0.87 8.84
N LYS B 67 -26.91 0.22 9.38
CA LYS B 67 -27.92 1.03 8.72
C LYS B 67 -27.52 2.50 8.80
N VAL B 68 -28.22 3.33 8.03
CA VAL B 68 -28.00 4.77 8.01
C VAL B 68 -29.11 5.42 8.83
N SER B 69 -28.77 5.87 10.03
CA SER B 69 -29.69 6.65 10.85
C SER B 69 -29.65 8.11 10.38
N ARG B 70 -30.83 8.69 10.23
CA ARG B 70 -30.97 10.02 9.65
C ARG B 70 -31.58 10.97 10.66
N PHE B 71 -30.91 12.11 10.86
CA PHE B 71 -31.38 13.19 11.72
C PHE B 71 -31.53 14.45 10.87
N ASP B 72 -32.31 15.39 11.38
CA ASP B 72 -32.38 16.73 10.82
C ASP B 72 -31.37 17.60 11.56
N PHE B 73 -30.42 18.18 10.84
CA PHE B 73 -29.38 18.97 11.47
C PHE B 73 -29.49 20.42 11.05
N ILE B 74 -29.22 21.31 12.01
CA ILE B 74 -29.08 22.74 11.75
C ILE B 74 -27.83 23.22 12.51
N ARG B 75 -26.96 23.93 11.80
CA ARG B 75 -25.71 24.44 12.35
C ARG B 75 -25.80 25.95 12.45
N GLN B 76 -25.72 26.46 13.69
CA GLN B 76 -25.89 27.87 13.99
C GLN B 76 -24.73 28.39 14.82
N ILE B 77 -24.52 29.70 14.74
CA ILE B 77 -23.59 30.43 15.60
C ILE B 77 -24.32 31.63 16.16
N GLU B 78 -23.99 32.01 17.39
CA GLU B 78 -24.71 33.06 18.10
C GLU B 78 -23.95 34.38 18.04
N VAL B 79 -24.67 35.46 17.75
CA VAL B 79 -24.11 36.81 17.74
C VAL B 79 -25.02 37.69 18.59
N ASP B 80 -24.42 38.46 19.49
CA ASP B 80 -25.15 39.36 20.37
C ASP B 80 -24.99 40.78 19.86
N TYR B 81 -26.06 41.35 19.32
CA TYR B 81 -26.03 42.70 18.77
C TYR B 81 -26.28 43.74 19.87
N TYR B 82 -25.74 44.93 19.65
CA TYR B 82 -25.78 46.01 20.63
C TYR B 82 -26.94 46.95 20.35
N THR B 83 -27.79 47.16 21.36
CA THR B 83 -28.92 48.08 21.26
C THR B 83 -29.02 48.91 22.53
N LYS B 84 -29.77 50.01 22.42
CA LYS B 84 -30.03 50.92 23.52
C LYS B 84 -31.50 50.78 23.94
N ASP B 85 -31.74 50.51 25.22
CA ASP B 85 -33.10 50.25 25.67
C ASP B 85 -33.75 51.54 26.16
N THR B 86 -34.87 51.40 26.88
CA THR B 86 -35.68 52.56 27.25
C THR B 86 -34.91 53.55 28.11
N ASN B 87 -34.02 53.07 28.98
CA ASN B 87 -33.37 53.90 29.98
C ASN B 87 -31.87 54.07 29.71
N ASN B 88 -31.47 54.06 28.45
CA ASN B 88 -30.09 54.29 28.00
C ASN B 88 -29.16 53.17 28.45
N ASN B 89 -29.69 52.08 28.99
CA ASN B 89 -28.87 50.94 29.36
C ASN B 89 -28.56 50.10 28.13
N LEU B 90 -27.39 49.46 28.14
CA LEU B 90 -26.97 48.61 27.03
C LEU B 90 -27.70 47.28 27.09
N THR B 91 -28.33 46.91 25.98
CA THR B 91 -29.03 45.64 25.85
C THR B 91 -28.46 44.85 24.69
N LEU B 92 -28.11 43.59 24.95
CA LEU B 92 -27.63 42.69 23.91
C LEU B 92 -28.78 41.89 23.36
N VAL B 93 -28.92 41.88 22.03
CA VAL B 93 -29.97 41.13 21.35
C VAL B 93 -29.33 39.86 20.78
N PRO B 94 -29.59 38.69 21.34
CA PRO B 94 -29.00 37.46 20.79
C PRO B 94 -29.66 37.08 19.47
N GLN B 95 -28.83 36.79 18.48
CA GLN B 95 -29.28 36.36 17.17
C GLN B 95 -28.57 35.07 16.81
N LEU B 96 -29.32 34.08 16.34
CA LEU B 96 -28.77 32.79 15.96
C LEU B 96 -28.64 32.77 14.44
N ILE B 97 -27.41 32.82 13.94
CA ILE B 97 -27.15 32.80 12.51
C ILE B 97 -27.03 31.35 12.09
N THR B 98 -27.97 30.89 11.27
CA THR B 98 -27.96 29.51 10.77
C THR B 98 -26.89 29.38 9.70
N LEU B 99 -25.81 28.68 10.01
CA LEU B 99 -24.74 28.53 9.03
C LEU B 99 -25.12 27.53 7.96
N GLU B 100 -25.74 26.42 8.34
CA GLU B 100 -26.14 25.45 7.33
C GLU B 100 -27.25 24.58 7.90
N SER B 101 -27.90 23.81 7.03
CA SER B 101 -28.98 22.93 7.47
C SER B 101 -29.21 21.84 6.44
N GLY B 102 -29.60 20.67 6.93
CA GLY B 102 -29.90 19.55 6.07
C GLY B 102 -30.07 18.25 6.81
N GLU B 103 -29.61 17.14 6.22
CA GLU B 103 -29.74 15.83 6.84
C GLU B 103 -28.38 15.36 7.34
N PHE B 104 -28.36 14.85 8.56
CA PHE B 104 -27.17 14.33 9.21
C PHE B 104 -27.29 12.81 9.22
N GLN B 105 -26.35 12.13 8.57
CA GLN B 105 -26.41 10.70 8.40
C GLN B 105 -25.32 10.03 9.21
N VAL B 106 -25.68 8.95 9.91
CA VAL B 106 -24.77 8.21 10.77
C VAL B 106 -24.84 6.75 10.38
N TYR B 107 -23.69 6.12 10.16
CA TYR B 107 -23.61 4.69 9.89
C TYR B 107 -22.87 4.04 11.04
N LYS B 108 -23.52 3.08 11.69
CA LYS B 108 -23.02 2.48 12.91
C LYS B 108 -22.61 1.04 12.66
N GLN B 109 -21.41 0.69 13.11
CA GLN B 109 -20.95 -0.69 13.15
C GLN B 109 -20.57 -1.02 14.60
N SER B 110 -19.89 -2.15 14.78
CA SER B 110 -19.57 -2.59 16.13
C SER B 110 -18.27 -1.98 16.67
N HIS B 111 -17.32 -1.68 15.79
CA HIS B 111 -16.05 -1.11 16.22
C HIS B 111 -15.73 0.19 15.50
N SER B 112 -16.67 0.73 14.73
CA SER B 112 -16.43 1.95 13.96
C SER B 112 -17.76 2.60 13.67
N ALA B 113 -17.70 3.86 13.23
CA ALA B 113 -18.86 4.62 12.79
C ALA B 113 -18.35 5.85 12.05
N LEU B 114 -19.23 6.43 11.25
CA LEU B 114 -18.90 7.65 10.53
C LEU B 114 -20.17 8.48 10.36
N THR B 115 -19.99 9.79 10.25
CA THR B 115 -21.09 10.70 10.01
C THR B 115 -20.90 11.39 8.68
N ALA B 116 -21.99 11.66 7.99
CA ALA B 116 -21.97 12.40 6.75
C ALA B 116 -23.05 13.48 6.81
N LEU B 117 -22.77 14.61 6.18
CA LEU B 117 -23.66 15.77 6.18
C LEU B 117 -24.18 16.02 4.77
N GLN B 118 -25.50 15.97 4.63
CA GLN B 118 -26.19 16.34 3.39
C GLN B 118 -26.75 17.74 3.60
N THR B 119 -25.89 18.73 3.41
CA THR B 119 -26.30 20.12 3.46
C THR B 119 -27.31 20.43 2.36
N GLU B 120 -28.48 20.92 2.77
CA GLU B 120 -29.53 21.36 1.87
C GLU B 120 -29.54 22.87 1.69
N GLN B 121 -29.26 23.64 2.74
CA GLN B 121 -29.27 25.09 2.67
C GLN B 121 -28.10 25.66 3.46
N VAL B 122 -27.58 26.79 2.99
CA VAL B 122 -26.50 27.49 3.66
C VAL B 122 -26.86 28.98 3.73
N GLN B 123 -25.97 29.74 4.37
CA GLN B 123 -26.09 31.18 4.37
C GLN B 123 -25.78 31.71 2.97
N ASP B 124 -26.59 32.65 2.51
CA ASP B 124 -26.47 33.24 1.19
C ASP B 124 -25.07 33.78 0.94
N SER B 125 -24.69 33.89 -0.34
CA SER B 125 -23.35 34.31 -0.75
C SER B 125 -22.87 35.53 0.03
N GLU B 126 -23.56 36.67 -0.12
CA GLU B 126 -23.32 37.84 0.73
C GLU B 126 -24.66 38.54 0.94
N HIS B 127 -25.45 38.00 1.85
CA HIS B 127 -26.66 38.64 2.34
C HIS B 127 -26.85 38.21 3.79
N SER B 128 -28.07 38.35 4.30
CA SER B 128 -28.40 37.76 5.58
C SER B 128 -29.85 37.30 5.63
N GLY B 129 -30.60 37.39 4.52
CA GLY B 129 -31.97 36.92 4.47
C GLY B 129 -32.08 35.43 4.68
N LYS B 130 -31.69 34.97 5.87
CA LYS B 130 -31.65 33.57 6.23
C LYS B 130 -30.90 32.73 5.21
N MET B 131 -31.62 31.90 4.44
CA MET B 131 -30.99 30.73 3.83
C MET B 131 -31.22 30.68 2.32
N VAL B 132 -30.16 30.35 1.59
CA VAL B 132 -30.28 29.98 0.19
C VAL B 132 -29.93 28.50 0.08
N ALA B 133 -30.43 27.86 -0.96
CA ALA B 133 -30.26 26.42 -1.14
C ALA B 133 -29.02 26.13 -1.97
N LYS B 134 -28.06 25.42 -1.38
CA LYS B 134 -26.86 24.97 -2.09
C LYS B 134 -26.48 23.61 -1.52
N ARG B 135 -26.81 22.56 -2.26
CA ARG B 135 -26.61 21.21 -1.74
C ARG B 135 -25.14 20.84 -1.71
N GLN B 136 -24.77 20.06 -0.69
CA GLN B 136 -23.45 19.47 -0.62
C GLN B 136 -23.55 18.19 0.21
N PHE B 137 -22.68 17.23 -0.10
CA PHE B 137 -22.59 16.00 0.67
C PHE B 137 -21.13 15.78 1.03
N ARG B 138 -20.83 15.74 2.33
CA ARG B 138 -19.45 15.54 2.74
C ARG B 138 -19.42 14.60 3.93
N ILE B 139 -18.22 14.13 4.25
CA ILE B 139 -18.02 13.22 5.38
C ILE B 139 -17.74 14.04 6.62
N GLY B 140 -18.38 13.67 7.72
CA GLY B 140 -18.12 14.31 9.00
C GLY B 140 -16.99 13.66 9.76
N ASP B 141 -17.33 12.91 10.80
CA ASP B 141 -16.35 12.21 11.62
C ASP B 141 -16.25 10.75 11.22
N ILE B 142 -15.07 10.17 11.43
CA ILE B 142 -14.83 8.74 11.24
C ILE B 142 -14.12 8.25 12.49
N ALA B 143 -14.82 7.56 13.37
CA ALA B 143 -14.27 7.19 14.66
C ALA B 143 -14.48 5.70 14.93
N GLY B 144 -13.79 5.20 15.94
CA GLY B 144 -13.90 3.82 16.33
C GLY B 144 -12.62 3.34 16.99
N GLU B 145 -12.58 2.04 17.27
CA GLU B 145 -11.42 1.37 17.88
C GLU B 145 -10.43 1.00 16.78
N HIS B 146 -9.49 1.90 16.52
CA HIS B 146 -8.51 1.70 15.46
C HIS B 146 -7.62 0.49 15.74
N THR B 147 -7.44 -0.34 14.71
CA THR B 147 -6.53 -1.47 14.82
C THR B 147 -5.09 -0.99 14.76
N SER B 148 -4.28 -1.47 15.69
CA SER B 148 -2.86 -1.13 15.68
C SER B 148 -2.18 -1.78 14.48
N PHE B 149 -1.35 -1.01 13.77
CA PHE B 149 -0.61 -1.55 12.64
C PHE B 149 0.32 -2.67 13.09
N ASP B 150 0.84 -2.57 14.30
CA ASP B 150 1.78 -3.54 14.84
C ASP B 150 1.10 -4.74 15.50
N LYS B 151 -0.24 -4.78 15.49
CA LYS B 151 -0.99 -5.92 16.00
C LYS B 151 -1.92 -6.50 14.93
N LEU B 152 -1.58 -6.30 13.66
CA LEU B 152 -2.37 -6.88 12.59
C LEU B 152 -2.16 -8.39 12.54
N PRO B 153 -3.15 -9.14 12.05
CA PRO B 153 -2.94 -10.57 11.82
C PRO B 153 -1.77 -10.78 10.87
N GLU B 154 -0.98 -11.82 11.14
CA GLU B 154 0.22 -12.04 10.36
C GLU B 154 -0.06 -12.69 9.00
N GLY B 155 -1.24 -13.27 8.81
CA GLY B 155 -1.54 -13.88 7.53
C GLY B 155 -3.03 -14.09 7.33
N GLY B 156 -3.36 -14.71 6.21
CA GLY B 156 -4.73 -15.01 5.85
C GLY B 156 -5.40 -13.87 5.11
N ARG B 157 -6.46 -14.22 4.39
CA ARG B 157 -7.27 -13.27 3.66
C ARG B 157 -8.57 -12.99 4.42
N ALA B 158 -8.99 -11.74 4.43
CA ALA B 158 -10.22 -11.34 5.09
C ALA B 158 -11.06 -10.54 4.10
N THR B 159 -12.34 -10.89 3.99
CA THR B 159 -13.28 -10.24 3.09
C THR B 159 -14.29 -9.45 3.91
N TYR B 160 -14.23 -8.13 3.81
CA TYR B 160 -15.19 -7.24 4.45
C TYR B 160 -16.30 -6.89 3.47
N ARG B 161 -17.54 -6.99 3.91
CA ARG B 161 -18.70 -6.60 3.13
C ARG B 161 -19.49 -5.55 3.91
N GLY B 162 -20.02 -4.56 3.18
CA GLY B 162 -20.72 -3.47 3.82
C GLY B 162 -21.41 -2.51 2.87
N THR B 163 -21.49 -1.24 3.29
CA THR B 163 -22.28 -0.22 2.62
C THR B 163 -21.41 0.93 2.17
N ALA B 164 -21.68 1.42 0.95
CA ALA B 164 -21.17 2.68 0.44
C ALA B 164 -22.35 3.58 0.19
N PHE B 165 -22.35 4.77 0.80
CA PHE B 165 -23.49 5.67 0.71
C PHE B 165 -23.06 7.07 0.32
N GLY B 166 -23.80 7.68 -0.59
CA GLY B 166 -23.51 9.03 -1.03
C GLY B 166 -24.74 9.92 -0.96
N SER B 167 -24.75 10.98 -1.75
CA SER B 167 -25.87 11.91 -1.76
C SER B 167 -27.13 11.23 -2.29
N ASP B 168 -28.17 11.18 -1.46
CA ASP B 168 -29.48 10.64 -1.83
C ASP B 168 -29.42 9.15 -2.19
N ASP B 169 -28.37 8.45 -1.80
CA ASP B 169 -28.21 7.05 -2.17
C ASP B 169 -27.45 6.35 -1.06
N ALA B 170 -28.14 5.49 -0.31
CA ALA B 170 -27.53 4.72 0.77
C ALA B 170 -27.60 3.22 0.52
N SER B 171 -27.74 2.80 -0.73
CA SER B 171 -27.84 1.39 -1.08
C SER B 171 -26.57 0.84 -1.70
N GLY B 172 -25.45 1.55 -1.56
CA GLY B 172 -24.21 1.08 -2.14
C GLY B 172 -23.68 -0.15 -1.42
N LYS B 173 -23.18 -1.10 -2.21
CA LYS B 173 -22.60 -2.32 -1.70
C LYS B 173 -21.08 -2.20 -1.78
N LEU B 174 -20.42 -2.18 -0.62
CA LEU B 174 -18.97 -2.11 -0.56
C LEU B 174 -18.41 -3.51 -0.35
N THR B 175 -17.40 -3.87 -1.12
CA THR B 175 -16.73 -5.15 -0.98
C THR B 175 -15.23 -4.91 -0.95
N TYR B 176 -14.59 -5.20 0.18
CA TYR B 176 -13.16 -5.01 0.30
C TYR B 176 -12.51 -6.33 0.71
N THR B 177 -11.25 -6.49 0.33
CA THR B 177 -10.50 -7.71 0.62
C THR B 177 -9.09 -7.31 1.03
N ILE B 178 -8.62 -7.89 2.14
CA ILE B 178 -7.30 -7.62 2.68
C ILE B 178 -6.54 -8.93 2.78
N ASP B 179 -5.41 -9.01 2.09
CA ASP B 179 -4.44 -10.07 2.28
C ASP B 179 -3.42 -9.57 3.31
N PHE B 180 -3.44 -10.18 4.49
CA PHE B 180 -2.58 -9.71 5.57
C PHE B 180 -1.13 -10.18 5.42
N ALA B 181 -0.88 -11.21 4.62
CA ALA B 181 0.50 -11.61 4.34
C ALA B 181 1.18 -10.56 3.47
N ALA B 182 0.58 -10.23 2.33
CA ALA B 182 1.08 -9.15 1.51
C ALA B 182 0.79 -7.78 2.10
N LYS B 183 -0.02 -7.71 3.15
CA LYS B 183 -0.43 -6.46 3.79
C LYS B 183 -0.97 -5.48 2.74
N GLN B 184 -1.98 -5.95 2.01
CA GLN B 184 -2.54 -5.21 0.89
C GLN B 184 -4.05 -5.38 0.88
N GLY B 185 -4.74 -4.40 0.29
CA GLY B 185 -6.18 -4.44 0.20
C GLY B 185 -6.64 -3.89 -1.15
N HIS B 186 -7.83 -4.33 -1.55
CA HIS B 186 -8.44 -3.82 -2.77
C HIS B 186 -9.93 -4.13 -2.70
N GLY B 187 -10.73 -3.37 -3.45
CA GLY B 187 -12.16 -3.55 -3.35
C GLY B 187 -12.92 -2.97 -4.51
N LYS B 188 -14.24 -2.93 -4.33
CA LYS B 188 -15.19 -2.57 -5.37
C LYS B 188 -16.45 -2.01 -4.73
N ILE B 189 -17.08 -1.06 -5.41
CA ILE B 189 -18.38 -0.51 -5.01
C ILE B 189 -19.40 -0.85 -6.09
N GLU B 190 -20.58 -1.30 -5.67
CA GLU B 190 -21.61 -1.74 -6.59
C GLU B 190 -22.96 -1.19 -6.19
N HIS B 191 -23.90 -1.22 -7.15
CA HIS B 191 -25.33 -1.03 -6.90
C HIS B 191 -25.67 0.38 -6.41
N LEU B 192 -24.97 1.39 -6.92
CA LEU B 192 -25.36 2.78 -6.70
C LEU B 192 -26.16 3.27 -7.89
N LYS B 193 -27.08 4.21 -7.62
CA LYS B 193 -27.95 4.70 -8.68
C LYS B 193 -27.16 5.42 -9.77
N SER B 194 -26.05 6.06 -9.41
CA SER B 194 -25.20 6.73 -10.39
C SER B 194 -24.11 5.78 -10.86
N PRO B 195 -23.99 5.53 -12.16
CA PRO B 195 -23.02 4.52 -12.62
C PRO B 195 -21.58 4.96 -12.45
N GLU B 196 -21.30 6.26 -12.52
CA GLU B 196 -19.93 6.75 -12.41
C GLU B 196 -19.33 6.51 -11.02
N LEU B 197 -20.13 6.11 -10.04
CA LEU B 197 -19.65 5.89 -8.69
C LEU B 197 -19.39 4.43 -8.37
N ASN B 198 -19.95 3.50 -9.12
CA ASN B 198 -19.63 2.09 -8.94
C ASN B 198 -18.22 1.85 -9.45
N VAL B 199 -17.24 2.08 -8.57
CA VAL B 199 -15.84 2.14 -8.96
C VAL B 199 -15.09 1.01 -8.30
N ASP B 200 -13.87 0.78 -8.78
CA ASP B 200 -12.94 -0.18 -8.19
C ASP B 200 -12.01 0.57 -7.26
N LEU B 201 -11.76 -0.02 -6.09
CA LEU B 201 -10.84 0.53 -5.11
C LEU B 201 -9.49 -0.14 -5.35
N ALA B 202 -8.57 0.59 -5.97
CA ALA B 202 -7.33 0.00 -6.45
C ALA B 202 -6.51 -0.55 -5.30
N ALA B 203 -5.66 -1.53 -5.62
CA ALA B 203 -4.84 -2.19 -4.61
C ALA B 203 -3.81 -1.22 -4.04
N SER B 204 -3.76 -1.13 -2.72
CA SER B 204 -2.75 -0.33 -2.04
C SER B 204 -2.36 -1.01 -0.74
N ASP B 205 -1.17 -0.66 -0.24
CA ASP B 205 -0.62 -1.34 0.91
C ASP B 205 -1.18 -0.78 2.22
N ILE B 206 -1.14 -1.61 3.25
CA ILE B 206 -1.51 -1.19 4.60
C ILE B 206 -0.37 -0.39 5.20
N LYS B 207 -0.69 0.79 5.73
CA LYS B 207 0.27 1.75 6.23
C LYS B 207 0.00 2.04 7.70
N PRO B 208 1.04 2.41 8.47
CA PRO B 208 0.80 2.99 9.79
C PRO B 208 0.69 4.50 9.70
N ASP B 209 -0.33 5.09 10.31
CA ASP B 209 -0.49 6.54 10.29
C ASP B 209 0.34 7.17 11.41
N LYS B 210 0.10 8.45 11.69
CA LYS B 210 0.90 9.16 12.68
C LYS B 210 0.74 8.55 14.07
N LYS B 211 -0.43 8.02 14.38
CA LYS B 211 -0.67 7.33 15.64
C LYS B 211 -0.48 5.81 15.53
N ARG B 212 0.06 5.35 14.39
CA ARG B 212 0.36 3.93 14.15
C ARG B 212 -0.90 3.08 14.12
N HIS B 213 -1.98 3.63 13.57
CA HIS B 213 -3.16 2.86 13.20
C HIS B 213 -2.99 2.31 11.80
N ALA B 214 -3.78 1.29 11.49
CA ALA B 214 -3.74 0.65 10.17
C ALA B 214 -4.67 1.41 9.22
N VAL B 215 -4.09 2.02 8.17
CA VAL B 215 -4.86 2.77 7.19
C VAL B 215 -4.40 2.40 5.79
N ILE B 216 -5.31 2.51 4.83
CA ILE B 216 -5.04 2.21 3.43
C ILE B 216 -5.50 3.39 2.59
N SER B 217 -4.61 3.95 1.79
CA SER B 217 -4.93 5.08 0.93
C SER B 217 -4.57 4.72 -0.50
N GLY B 218 -5.59 4.64 -1.37
CA GLY B 218 -5.40 4.18 -2.73
C GLY B 218 -6.18 5.01 -3.72
N SER B 219 -6.07 4.62 -4.99
CA SER B 219 -6.75 5.29 -6.07
C SER B 219 -8.10 4.65 -6.34
N VAL B 220 -9.02 5.46 -6.87
CA VAL B 220 -10.32 4.99 -7.33
C VAL B 220 -10.26 4.86 -8.84
N LEU B 221 -10.67 3.70 -9.36
CA LEU B 221 -10.59 3.41 -10.78
C LEU B 221 -11.99 3.13 -11.32
N TYR B 222 -12.30 3.73 -12.47
CA TYR B 222 -13.54 3.47 -13.19
C TYR B 222 -13.18 3.10 -14.62
N ASN B 223 -13.30 1.81 -14.95
CA ASN B 223 -12.90 1.27 -16.26
C ASN B 223 -11.41 1.51 -16.50
N GLN B 224 -10.60 1.14 -15.51
CA GLN B 224 -9.14 1.25 -15.53
C GLN B 224 -8.66 2.69 -15.69
N ALA B 225 -9.49 3.66 -15.31
CA ALA B 225 -9.15 5.07 -15.39
C ALA B 225 -9.15 5.67 -13.99
N GLU B 226 -8.09 6.38 -13.64
CA GLU B 226 -8.02 7.01 -12.33
C GLU B 226 -9.04 8.15 -12.27
N LYS B 227 -9.95 8.08 -11.31
CA LYS B 227 -10.98 9.11 -11.17
C LYS B 227 -11.21 9.47 -9.70
N GLY B 228 -10.17 9.44 -8.90
CA GLY B 228 -10.27 9.86 -7.51
C GLY B 228 -9.39 9.00 -6.65
N SER B 229 -9.69 9.03 -5.35
CA SER B 229 -8.91 8.29 -4.36
C SER B 229 -9.86 7.84 -3.25
N TYR B 230 -9.36 6.97 -2.38
CA TYR B 230 -10.14 6.49 -1.26
C TYR B 230 -9.20 6.25 -0.08
N SER B 231 -9.73 6.45 1.12
CA SER B 231 -8.98 6.21 2.35
C SER B 231 -9.84 5.39 3.29
N LEU B 232 -9.28 4.29 3.79
CA LEU B 232 -9.96 3.42 4.73
C LEU B 232 -9.10 3.23 5.97
N GLY B 233 -9.76 3.00 7.09
CA GLY B 233 -9.10 2.64 8.33
C GLY B 233 -9.56 1.27 8.77
N ILE B 234 -8.65 0.53 9.40
CA ILE B 234 -8.94 -0.80 9.92
C ILE B 234 -9.31 -0.67 11.39
N PHE B 235 -10.42 -1.28 11.77
CA PHE B 235 -10.98 -1.17 13.11
C PHE B 235 -11.24 -2.54 13.70
N GLY B 236 -11.10 -2.65 15.02
CA GLY B 236 -11.29 -3.90 15.73
C GLY B 236 -9.99 -4.57 16.10
N GLY B 237 -9.94 -5.17 17.30
CA GLY B 237 -8.73 -5.83 17.74
C GLY B 237 -8.29 -6.97 16.85
N GLN B 238 -9.25 -7.63 16.20
CA GLN B 238 -8.98 -8.70 15.24
C GLN B 238 -9.26 -8.25 13.81
N ALA B 239 -9.16 -6.94 13.56
CA ALA B 239 -9.38 -6.36 12.24
C ALA B 239 -10.77 -6.74 11.72
N GLN B 240 -11.78 -6.58 12.57
CA GLN B 240 -13.13 -6.99 12.19
C GLN B 240 -13.70 -6.11 11.09
N GLU B 241 -13.46 -4.81 11.15
CA GLU B 241 -14.17 -3.88 10.29
C GLU B 241 -13.22 -2.93 9.60
N VAL B 242 -13.71 -2.28 8.55
CA VAL B 242 -13.05 -1.18 7.88
C VAL B 242 -14.05 -0.05 7.73
N ALA B 243 -13.54 1.18 7.74
CA ALA B 243 -14.43 2.34 7.61
C ALA B 243 -13.63 3.52 7.11
N GLY B 244 -14.21 4.27 6.18
CA GLY B 244 -13.54 5.41 5.60
C GLY B 244 -14.39 6.12 4.58
N SER B 245 -13.75 6.71 3.56
CA SER B 245 -14.49 7.47 2.57
C SER B 245 -13.76 7.39 1.24
N ALA B 246 -14.44 7.89 0.21
CA ALA B 246 -13.90 7.92 -1.14
C ALA B 246 -14.30 9.22 -1.82
N GLU B 247 -13.36 9.76 -2.58
CA GLU B 247 -13.51 10.96 -3.37
C GLU B 247 -13.44 10.52 -4.82
N VAL B 248 -14.54 10.69 -5.55
CA VAL B 248 -14.66 10.14 -6.89
C VAL B 248 -14.91 11.30 -7.86
N GLU B 249 -14.15 11.31 -8.95
CA GLU B 249 -14.33 12.32 -9.98
C GLU B 249 -15.46 11.89 -10.91
N THR B 250 -16.36 12.82 -11.22
CA THR B 250 -17.39 12.56 -12.22
C THR B 250 -17.52 13.79 -13.11
N ALA B 251 -18.28 13.62 -14.20
CA ALA B 251 -18.55 14.75 -15.08
C ALA B 251 -19.30 15.86 -14.35
N ASN B 252 -20.09 15.49 -13.33
CA ASN B 252 -20.75 16.45 -12.46
C ASN B 252 -19.92 16.80 -11.23
N GLY B 253 -18.60 16.74 -11.36
CA GLY B 253 -17.70 17.10 -10.28
C GLY B 253 -17.39 15.95 -9.36
N ILE B 254 -16.70 16.28 -8.28
CA ILE B 254 -16.26 15.28 -7.31
C ILE B 254 -17.41 14.97 -6.37
N ARG B 255 -17.64 13.69 -6.12
CA ARG B 255 -18.64 13.23 -5.19
C ARG B 255 -17.93 12.50 -4.05
N HIS B 256 -18.53 12.58 -2.86
CA HIS B 256 -17.97 11.96 -1.67
C HIS B 256 -18.86 10.80 -1.25
N ILE B 257 -18.21 9.69 -0.87
CA ILE B 257 -18.90 8.46 -0.53
C ILE B 257 -18.41 7.98 0.82
N GLY B 258 -19.32 7.56 1.68
CA GLY B 258 -18.97 6.94 2.95
C GLY B 258 -18.91 5.43 2.78
N LEU B 259 -17.86 4.84 3.37
CA LEU B 259 -17.57 3.41 3.25
C LEU B 259 -17.53 2.78 4.62
N ALA B 260 -18.20 1.64 4.77
CA ALA B 260 -18.10 0.90 6.03
C ALA B 260 -18.41 -0.56 5.78
N ALA B 261 -17.48 -1.44 6.11
CA ALA B 261 -17.64 -2.87 5.86
C ALA B 261 -17.16 -3.65 7.07
N LYS B 262 -17.56 -4.92 7.12
CA LYS B 262 -17.19 -5.78 8.23
C LYS B 262 -17.07 -7.22 7.75
N GLN B 263 -16.28 -8.01 8.48
CA GLN B 263 -16.21 -9.44 8.22
C GLN B 263 -17.49 -10.12 8.71
N LEU B 264 -17.67 -11.36 8.28
CA LEU B 264 -18.87 -12.13 8.58
C LEU B 264 -18.54 -13.26 9.53
N GLU B 265 -19.24 -13.30 10.66
CA GLU B 265 -18.98 -14.27 11.72
C GLU B 265 -19.25 -15.70 11.27
N GLY C 10 29.13 24.85 12.14
CA GLY C 10 28.10 24.92 11.13
C GLY C 10 27.13 23.76 11.19
N LEU C 11 27.20 22.98 12.28
CA LEU C 11 26.39 21.79 12.44
C LEU C 11 26.32 21.39 13.91
N ALA C 12 27.48 21.28 14.55
CA ALA C 12 27.55 20.98 15.98
C ALA C 12 26.80 22.01 16.82
N ASP C 13 26.71 23.25 16.32
CA ASP C 13 25.96 24.28 17.03
C ASP C 13 24.50 23.86 17.22
N ALA C 14 23.91 23.22 16.22
CA ALA C 14 22.55 22.72 16.36
C ALA C 14 22.45 21.65 17.44
N LEU C 15 23.55 20.97 17.75
CA LEU C 15 23.55 19.93 18.79
C LEU C 15 23.87 20.47 20.17
N THR C 16 24.57 21.60 20.27
CA THR C 16 25.03 22.08 21.58
C THR C 16 24.39 23.41 21.99
N ALA C 17 24.22 24.35 21.07
CA ALA C 17 23.67 25.65 21.41
C ALA C 17 22.16 25.55 21.63
N PRO C 18 21.59 26.42 22.46
CA PRO C 18 20.13 26.45 22.64
C PRO C 18 19.48 27.20 21.47
N LEU C 19 18.15 27.19 21.48
CA LEU C 19 17.40 27.87 20.43
C LEU C 19 17.64 29.38 20.48
N ASP C 20 17.43 30.02 19.33
CA ASP C 20 17.64 31.46 19.21
C ASP C 20 16.66 32.00 18.19
N HIS C 21 16.17 33.23 18.44
CA HIS C 21 15.18 33.82 17.55
C HIS C 21 15.83 34.52 16.36
N LYS C 22 17.05 35.05 16.51
CA LYS C 22 17.71 35.69 15.38
C LYS C 22 18.36 34.68 14.45
N ASP C 23 18.27 33.39 14.75
CA ASP C 23 18.71 32.36 13.82
C ASP C 23 17.85 32.39 12.56
N LYS C 24 18.40 31.86 11.49
CA LYS C 24 17.80 32.00 10.17
C LYS C 24 16.60 31.09 10.00
N SER C 25 15.51 31.66 9.47
CA SER C 25 14.38 30.93 8.89
C SER C 25 13.74 30.05 9.97
N LEU C 26 13.55 28.74 9.74
CA LEU C 26 12.85 27.91 10.71
C LEU C 26 13.76 27.64 11.91
N GLN C 27 13.33 28.13 13.07
CA GLN C 27 14.17 28.02 14.27
C GLN C 27 14.17 26.59 14.79
N SER C 28 12.98 26.05 15.06
CA SER C 28 12.83 24.81 15.80
C SER C 28 11.99 23.82 15.00
N LEU C 29 12.18 22.53 15.32
CA LEU C 29 11.41 21.45 14.73
C LEU C 29 11.19 20.40 15.80
N THR C 30 9.93 20.12 16.12
CA THR C 30 9.60 19.15 17.16
C THR C 30 9.77 17.72 16.65
N LEU C 31 10.55 16.93 17.38
CA LEU C 31 10.83 15.54 17.01
C LEU C 31 9.78 14.63 17.62
N ASP C 32 8.74 14.32 16.84
CA ASP C 32 7.67 13.45 17.29
C ASP C 32 7.73 12.07 16.67
N GLN C 33 7.84 11.97 15.34
CA GLN C 33 7.89 10.69 14.67
C GLN C 33 9.28 10.04 14.69
N SER C 34 10.33 10.83 14.89
CA SER C 34 11.68 10.29 14.80
C SER C 34 12.08 9.48 16.03
N VAL C 35 11.47 9.76 17.19
CA VAL C 35 11.76 9.05 18.42
C VAL C 35 10.45 8.87 19.19
N ARG C 36 10.25 7.68 19.73
CA ARG C 36 9.04 7.35 20.47
C ARG C 36 9.22 7.62 21.96
N LYS C 37 8.12 7.47 22.70
CA LYS C 37 8.16 7.62 24.14
C LYS C 37 9.02 6.53 24.75
N ASN C 38 9.69 6.87 25.85
CA ASN C 38 10.61 6.02 26.59
C ASN C 38 11.88 5.74 25.80
N GLU C 39 12.00 6.24 24.57
CA GLU C 39 13.18 6.05 23.75
C GLU C 39 14.13 7.22 23.89
N LYS C 40 15.38 6.97 23.57
CA LYS C 40 16.43 7.98 23.56
C LYS C 40 17.06 7.96 22.17
N LEU C 41 17.04 9.09 21.49
CA LEU C 41 17.61 9.22 20.15
C LEU C 41 18.85 10.11 20.25
N LYS C 42 20.03 9.50 20.13
CA LYS C 42 21.29 10.20 20.29
C LYS C 42 21.84 10.55 18.91
N LEU C 43 22.03 11.84 18.67
CA LEU C 43 22.61 12.34 17.43
C LEU C 43 24.03 12.84 17.71
N ALA C 44 24.93 12.57 16.77
CA ALA C 44 26.33 12.98 16.90
C ALA C 44 26.83 13.44 15.55
N ALA C 45 27.55 14.56 15.54
CA ALA C 45 28.13 15.13 14.34
C ALA C 45 29.10 16.23 14.75
N GLN C 46 30.16 16.39 13.96
CA GLN C 46 31.16 17.43 14.19
C GLN C 46 31.74 17.36 15.60
N GLY C 47 31.84 16.16 16.14
CA GLY C 47 32.37 15.97 17.49
C GLY C 47 31.42 16.30 18.60
N ALA C 48 30.14 16.47 18.31
CA ALA C 48 29.14 16.79 19.31
C ALA C 48 28.06 15.71 19.34
N GLU C 49 27.33 15.67 20.45
CA GLU C 49 26.29 14.67 20.65
C GLU C 49 25.20 15.24 21.56
N LYS C 50 23.95 15.00 21.18
CA LYS C 50 22.80 15.39 21.99
C LYS C 50 21.78 14.27 21.96
N THR C 51 21.12 14.06 23.10
CA THR C 51 20.09 13.03 23.23
C THR C 51 18.72 13.68 23.23
N TYR C 52 17.78 13.08 22.50
CA TYR C 52 16.45 13.64 22.32
C TYR C 52 15.39 12.64 22.75
N GLY C 53 14.30 13.17 23.29
CA GLY C 53 13.16 12.36 23.67
C GLY C 53 11.99 12.63 22.76
N ASN C 54 10.79 12.84 23.30
CA ASN C 54 9.60 12.91 22.45
C ASN C 54 9.12 14.34 22.21
N GLY C 55 9.08 15.17 23.24
CA GLY C 55 8.72 16.54 22.97
C GLY C 55 9.85 17.44 22.56
N ASP C 56 11.08 16.92 22.56
CA ASP C 56 12.25 17.76 22.45
C ASP C 56 12.36 18.38 21.06
N SER C 57 12.88 19.60 21.01
CA SER C 57 12.99 20.36 19.78
C SER C 57 14.40 20.31 19.24
N LEU C 58 14.52 20.15 17.91
CA LEU C 58 15.80 20.20 17.23
C LEU C 58 16.06 21.62 16.74
N ASN C 59 17.24 22.14 17.08
CA ASN C 59 17.59 23.51 16.73
C ASN C 59 18.01 23.56 15.26
N THR C 60 17.01 23.51 14.38
CA THR C 60 17.28 23.62 12.95
C THR C 60 17.83 24.99 12.58
N GLY C 61 17.64 26.00 13.43
CA GLY C 61 18.10 27.33 13.11
C GLY C 61 19.60 27.42 12.90
N LYS C 62 20.36 26.53 13.53
CA LYS C 62 21.81 26.52 13.35
C LYS C 62 22.24 25.77 12.09
N LEU C 63 21.34 25.02 11.46
CA LEU C 63 21.66 24.30 10.24
C LEU C 63 21.43 25.19 9.03
N LYS C 64 22.09 24.83 7.92
CA LYS C 64 21.95 25.57 6.68
C LYS C 64 20.69 25.15 5.94
N ASN C 65 20.04 26.11 5.27
CA ASN C 65 18.82 25.84 4.53
C ASN C 65 19.11 25.18 3.20
N ASP C 66 18.09 24.47 2.69
CA ASP C 66 18.08 23.90 1.35
C ASP C 66 19.19 22.89 1.13
N LYS C 67 19.75 22.35 2.21
CA LYS C 67 20.75 21.30 2.15
C LYS C 67 20.34 20.19 3.10
N VAL C 68 20.98 19.04 2.98
CA VAL C 68 20.71 17.89 3.85
C VAL C 68 21.82 17.80 4.88
N SER C 69 21.50 18.15 6.12
CA SER C 69 22.42 17.96 7.22
C SER C 69 22.38 16.51 7.68
N ARG C 70 23.55 15.93 7.88
CA ARG C 70 23.69 14.50 8.16
C ARG C 70 24.30 14.31 9.55
N PHE C 71 23.63 13.52 10.38
CA PHE C 71 24.11 13.14 11.70
C PHE C 71 24.24 11.63 11.76
N ASP C 72 25.01 11.16 12.74
CA ASP C 72 25.03 9.75 13.11
C ASP C 72 24.06 9.57 14.26
N PHE C 73 23.04 8.73 14.06
CA PHE C 73 22.02 8.52 15.08
C PHE C 73 22.08 7.10 15.62
N ILE C 74 21.82 6.97 16.92
CA ILE C 74 21.62 5.68 17.55
C ILE C 74 20.40 5.77 18.46
N ARG C 75 19.50 4.81 18.32
CA ARG C 75 18.24 4.78 19.05
C ARG C 75 18.27 3.66 20.08
N GLN C 76 18.18 4.04 21.36
CA GLN C 76 18.28 3.10 22.47
C GLN C 76 17.10 3.28 23.41
N ILE C 77 16.82 2.21 24.17
CA ILE C 77 15.83 2.25 25.24
C ILE C 77 16.48 1.65 26.48
N GLU C 78 16.09 2.16 27.65
CA GLU C 78 16.71 1.78 28.91
C GLU C 78 15.88 0.74 29.64
N VAL C 79 16.55 -0.27 30.17
CA VAL C 79 15.93 -1.33 30.96
C VAL C 79 16.69 -1.44 32.28
N ASP C 80 15.96 -1.48 33.38
CA ASP C 80 16.53 -1.61 34.72
C ASP C 80 16.31 -3.03 35.21
N TYR C 81 17.39 -3.80 35.28
CA TYR C 81 17.32 -5.19 35.72
C TYR C 81 17.45 -5.26 37.24
N TYR C 82 16.87 -6.31 37.82
CA TYR C 82 16.77 -6.45 39.27
C TYR C 82 17.89 -7.34 39.80
N THR C 83 18.67 -6.82 40.74
CA THR C 83 19.72 -7.57 41.41
C THR C 83 19.70 -7.24 42.90
N LYS C 84 20.32 -8.11 43.69
CA LYS C 84 20.47 -7.90 45.13
C LYS C 84 21.94 -7.68 45.46
N ASP C 85 22.23 -6.59 46.17
CA ASP C 85 23.60 -6.23 46.50
C ASP C 85 23.98 -6.86 47.84
N THR C 86 25.20 -6.59 48.30
CA THR C 86 25.51 -6.90 49.69
C THR C 86 24.57 -6.10 50.59
N ASN C 87 24.17 -6.70 51.70
CA ASN C 87 23.12 -6.25 52.63
C ASN C 87 21.74 -6.56 52.05
N ASN C 88 21.66 -7.24 50.91
CA ASN C 88 20.40 -7.74 50.33
C ASN C 88 19.42 -6.62 50.02
N ASN C 89 19.92 -5.42 49.78
CA ASN C 89 19.11 -4.32 49.29
C ASN C 89 18.89 -4.46 47.79
N LEU C 90 17.74 -3.98 47.32
CA LEU C 90 17.42 -4.06 45.90
C LEU C 90 18.22 -3.03 45.13
N THR C 91 18.96 -3.49 44.12
CA THR C 91 19.75 -2.62 43.25
C THR C 91 19.31 -2.82 41.81
N LEU C 92 19.01 -1.72 41.14
CA LEU C 92 18.64 -1.73 39.74
C LEU C 92 19.86 -1.45 38.88
N VAL C 93 20.07 -2.28 37.86
CA VAL C 93 21.19 -2.12 36.94
C VAL C 93 20.63 -1.54 35.64
N PRO C 94 20.91 -0.27 35.33
CA PRO C 94 20.42 0.29 34.06
C PRO C 94 21.19 -0.29 32.87
N GLN C 95 20.44 -0.72 31.86
CA GLN C 95 21.00 -1.27 30.64
C GLN C 95 20.38 -0.57 29.44
N LEU C 96 21.22 -0.20 28.48
CA LEU C 96 20.79 0.49 27.28
C LEU C 96 20.74 -0.52 26.13
N ILE C 97 19.52 -0.85 25.69
CA ILE C 97 19.32 -1.76 24.57
C ILE C 97 19.29 -0.93 23.29
N THR C 98 20.26 -1.15 22.41
CA THR C 98 20.35 -0.42 21.15
C THR C 98 19.31 -0.96 20.18
N LEU C 99 18.26 -0.17 19.94
CA LEU C 99 17.19 -0.58 19.04
C LEU C 99 17.55 -0.34 17.58
N GLU C 100 18.23 0.76 17.28
CA GLU C 100 18.49 1.10 15.89
C GLU C 100 19.75 1.96 15.80
N SER C 101 20.29 2.07 14.59
CA SER C 101 21.46 2.91 14.37
C SER C 101 21.62 3.18 12.88
N GLY C 102 22.11 4.39 12.56
CA GLY C 102 22.38 4.75 11.18
C GLY C 102 22.63 6.22 10.97
N GLU C 103 22.18 6.77 9.84
CA GLU C 103 22.34 8.18 9.52
C GLU C 103 21.00 8.88 9.63
N PHE C 104 20.99 10.04 10.29
CA PHE C 104 19.81 10.87 10.47
C PHE C 104 19.96 12.09 9.57
N GLN C 105 19.04 12.26 8.63
CA GLN C 105 19.12 13.32 7.63
C GLN C 105 18.03 14.34 7.88
N VAL C 106 18.39 15.62 7.82
CA VAL C 106 17.47 16.73 8.05
C VAL C 106 17.57 17.69 6.88
N TYR C 107 16.43 18.06 6.31
CA TYR C 107 16.36 19.06 5.26
C TYR C 107 15.58 20.26 5.78
N LYS C 108 16.21 21.43 5.76
CA LYS C 108 15.67 22.63 6.38
C LYS C 108 15.28 23.65 5.32
N GLN C 109 14.09 24.22 5.47
CA GLN C 109 13.64 25.35 4.68
C GLN C 109 13.30 26.51 5.63
N SER C 110 12.64 27.54 5.10
CA SER C 110 12.38 28.73 5.88
C SER C 110 11.11 28.65 6.71
N HIS C 111 10.09 27.95 6.24
CA HIS C 111 8.83 27.79 6.96
C HIS C 111 8.46 26.33 7.17
N SER C 112 9.37 25.42 6.84
CA SER C 112 9.09 23.99 6.95
C SER C 112 10.42 23.26 7.07
N ALA C 113 10.34 22.00 7.46
CA ALA C 113 11.50 21.13 7.57
C ALA C 113 11.01 19.71 7.70
N LEU C 114 11.90 18.77 7.40
CA LEU C 114 11.59 17.35 7.52
C LEU C 114 12.85 16.58 7.86
N THR C 115 12.68 15.44 8.53
CA THR C 115 13.77 14.55 8.88
C THR C 115 13.59 13.21 8.18
N ALA C 116 14.71 12.60 7.84
CA ALA C 116 14.72 11.27 7.26
C ALA C 116 15.74 10.41 7.99
N LEU C 117 15.42 9.12 8.11
CA LEU C 117 16.26 8.16 8.80
C LEU C 117 16.75 7.12 7.81
N GLN C 118 18.08 7.01 7.69
CA GLN C 118 18.74 5.96 6.92
C GLN C 118 19.25 4.93 7.93
N THR C 119 18.34 4.04 8.33
CA THR C 119 18.69 2.95 9.21
C THR C 119 19.72 2.04 8.56
N GLU C 120 20.87 1.88 9.22
CA GLU C 120 21.90 0.95 8.77
C GLU C 120 21.87 -0.37 9.55
N GLN C 121 21.59 -0.32 10.85
CA GLN C 121 21.58 -1.53 11.67
C GLN C 121 20.41 -1.51 12.64
N VAL C 122 19.89 -2.71 12.91
CA VAL C 122 18.80 -2.92 13.87
C VAL C 122 19.16 -4.10 14.74
N GLN C 123 18.29 -4.42 15.69
CA GLN C 123 18.47 -5.64 16.47
C GLN C 123 18.27 -6.85 15.58
N ASP C 124 18.96 -7.94 15.91
CA ASP C 124 19.11 -9.07 15.01
C ASP C 124 17.85 -9.91 14.84
N SER C 125 16.68 -9.33 15.14
CA SER C 125 15.39 -10.03 15.07
C SER C 125 15.40 -11.31 15.88
N GLU C 126 16.30 -11.38 16.85
CA GLU C 126 16.36 -12.44 17.85
C GLU C 126 16.30 -11.90 19.26
N HIS C 127 16.65 -10.62 19.45
CA HIS C 127 16.47 -9.92 20.72
C HIS C 127 17.41 -10.44 21.79
N SER C 128 18.49 -11.09 21.38
CA SER C 128 19.57 -11.48 22.28
C SER C 128 20.88 -11.19 21.57
N GLY C 129 21.70 -10.32 22.14
CA GLY C 129 22.98 -10.01 21.56
C GLY C 129 23.02 -8.61 20.97
N LYS C 130 23.78 -8.43 19.89
CA LYS C 130 24.07 -7.12 19.35
C LYS C 130 23.30 -6.91 18.04
N MET C 131 23.88 -6.13 17.14
CA MET C 131 23.19 -5.54 16.00
C MET C 131 23.46 -6.32 14.72
N VAL C 132 22.41 -6.47 13.91
CA VAL C 132 22.56 -6.99 12.57
C VAL C 132 22.32 -5.83 11.60
N ALA C 133 22.88 -5.97 10.41
CA ALA C 133 22.84 -4.91 9.40
C ALA C 133 21.62 -5.13 8.50
N LYS C 134 20.63 -4.24 8.60
CA LYS C 134 19.52 -4.21 7.68
C LYS C 134 19.22 -2.74 7.38
N ARG C 135 19.33 -2.36 6.11
CA ARG C 135 19.12 -0.99 5.71
C ARG C 135 17.65 -0.69 5.49
N GLN C 136 17.26 0.53 5.83
CA GLN C 136 15.93 1.03 5.54
C GLN C 136 16.02 2.54 5.44
N PHE C 137 15.12 3.14 4.65
CA PHE C 137 15.05 4.59 4.54
C PHE C 137 13.61 5.00 4.74
N ARG C 138 13.37 5.83 5.76
CA ARG C 138 12.01 6.27 6.05
C ARG C 138 12.01 7.75 6.42
N ILE C 139 10.83 8.34 6.37
CA ILE C 139 10.65 9.74 6.71
C ILE C 139 10.31 9.86 8.19
N GLY C 140 10.95 10.81 8.87
CA GLY C 140 10.65 11.06 10.26
C GLY C 140 9.52 12.06 10.42
N ASP C 141 9.86 13.29 10.81
CA ASP C 141 8.88 14.34 11.03
C ASP C 141 8.84 15.29 9.84
N ILE C 142 7.67 15.91 9.64
CA ILE C 142 7.47 16.95 8.64
C ILE C 142 6.74 18.07 9.38
N ALA C 143 7.46 19.14 9.73
CA ALA C 143 6.92 20.18 10.58
C ALA C 143 7.13 21.55 9.95
N GLY C 144 6.44 22.54 10.50
CA GLY C 144 6.56 23.90 10.02
C GLY C 144 5.28 24.66 10.28
N GLU C 145 5.23 25.88 9.73
CA GLU C 145 4.07 26.75 9.83
C GLU C 145 3.10 26.38 8.71
N HIS C 146 2.16 25.48 9.02
CA HIS C 146 1.21 25.02 8.02
C HIS C 146 0.35 26.18 7.53
N THR C 147 0.20 26.27 6.21
CA THR C 147 -0.69 27.26 5.62
C THR C 147 -2.13 26.82 5.83
N SER C 148 -2.97 27.75 6.30
CA SER C 148 -4.38 27.44 6.48
C SER C 148 -5.04 27.23 5.14
N PHE C 149 -5.87 26.19 5.06
CA PHE C 149 -6.63 25.95 3.83
C PHE C 149 -7.59 27.08 3.53
N ASP C 150 -8.12 27.73 4.57
CA ASP C 150 -9.07 28.81 4.42
C ASP C 150 -8.39 30.16 4.24
N LYS C 151 -7.06 30.20 4.21
CA LYS C 151 -6.30 31.42 3.95
C LYS C 151 -5.39 31.28 2.74
N LEU C 152 -5.73 30.37 1.82
CA LEU C 152 -4.93 30.19 0.63
C LEU C 152 -5.10 31.37 -0.32
N PRO C 153 -4.10 31.66 -1.14
CA PRO C 153 -4.29 32.67 -2.19
C PRO C 153 -5.45 32.29 -3.09
N GLU C 154 -6.22 33.30 -3.48
CA GLU C 154 -7.42 33.07 -4.28
C GLU C 154 -7.13 32.81 -5.75
N GLY C 155 -5.94 33.15 -6.23
CA GLY C 155 -5.63 32.92 -7.62
C GLY C 155 -4.13 32.93 -7.86
N GLY C 156 -3.77 32.79 -9.14
CA GLY C 156 -2.39 32.79 -9.54
C GLY C 156 -1.76 31.40 -9.46
N ARG C 157 -0.64 31.26 -10.15
CA ARG C 157 0.17 30.06 -10.06
C ARG C 157 1.36 30.29 -9.13
N ALA C 158 1.88 29.20 -8.59
CA ALA C 158 3.09 29.24 -7.79
C ALA C 158 3.99 28.10 -8.22
N THR C 159 5.25 28.42 -8.49
CA THR C 159 6.24 27.43 -8.93
C THR C 159 7.24 27.23 -7.80
N TYR C 160 7.17 26.06 -7.16
CA TYR C 160 8.10 25.66 -6.12
C TYR C 160 9.21 24.81 -6.73
N ARG C 161 10.45 25.13 -6.40
CA ARG C 161 11.59 24.32 -6.80
C ARG C 161 12.34 23.90 -5.55
N GLY C 162 12.83 22.67 -5.54
CA GLY C 162 13.49 22.16 -4.37
C GLY C 162 14.15 20.81 -4.55
N THR C 163 14.19 20.03 -3.48
CA THR C 163 14.97 18.80 -3.42
C THR C 163 14.06 17.61 -3.16
N ALA C 164 14.35 16.53 -3.89
CA ALA C 164 13.83 15.20 -3.61
C ALA C 164 15.02 14.32 -3.28
N PHE C 165 15.02 13.72 -2.09
CA PHE C 165 16.15 12.95 -1.63
C PHE C 165 15.69 11.60 -1.11
N GLY C 166 16.42 10.56 -1.46
CA GLY C 166 16.10 9.22 -1.00
C GLY C 166 17.29 8.52 -0.38
N SER C 167 17.24 7.19 -0.36
CA SER C 167 18.32 6.40 0.22
C SER C 167 19.59 6.58 -0.61
N ASP C 168 20.65 7.08 0.03
CA ASP C 168 21.96 7.28 -0.59
C ASP C 168 21.92 8.23 -1.76
N ASP C 169 20.87 9.04 -1.88
CA ASP C 169 20.75 9.94 -3.03
C ASP C 169 20.01 11.18 -2.57
N ALA C 170 20.72 12.30 -2.47
CA ALA C 170 20.13 13.58 -2.06
C ALA C 170 20.25 14.62 -3.17
N SER C 171 20.42 14.18 -4.41
CA SER C 171 20.59 15.07 -5.56
C SER C 171 19.34 15.17 -6.40
N GLY C 172 18.19 14.72 -5.91
CA GLY C 172 16.96 14.81 -6.69
C GLY C 172 16.48 16.24 -6.80
N LYS C 173 16.04 16.61 -8.00
CA LYS C 173 15.50 17.93 -8.28
C LYS C 173 13.97 17.84 -8.33
N LEU C 174 13.32 18.49 -7.38
CA LEU C 174 11.86 18.51 -7.29
C LEU C 174 11.32 19.79 -7.90
N THR C 175 10.28 19.66 -8.74
CA THR C 175 9.62 20.81 -9.35
C THR C 175 8.12 20.63 -9.17
N TYR C 176 7.51 21.54 -8.41
CA TYR C 176 6.07 21.50 -8.16
C TYR C 176 5.43 22.81 -8.60
N THR C 177 4.15 22.72 -8.97
CA THR C 177 3.38 23.86 -9.44
C THR C 177 1.98 23.77 -8.87
N ILE C 178 1.48 24.89 -8.34
CA ILE C 178 0.16 24.95 -7.74
C ILE C 178 -0.64 26.05 -8.43
N ASP C 179 -1.78 25.67 -8.99
CA ASP C 179 -2.79 26.63 -9.46
C ASP C 179 -3.80 26.83 -8.33
N PHE C 180 -3.82 28.04 -7.77
CA PHE C 180 -4.69 28.35 -6.66
C PHE C 180 -6.12 28.64 -7.10
N ALA C 181 -6.34 28.95 -8.37
CA ALA C 181 -7.70 29.14 -8.87
C ALA C 181 -8.44 27.81 -8.90
N ALA C 182 -7.89 26.82 -9.60
CA ALA C 182 -8.45 25.48 -9.58
C ALA C 182 -8.18 24.74 -8.28
N LYS C 183 -7.35 25.31 -7.40
CA LYS C 183 -6.96 24.68 -6.14
C LYS C 183 -6.42 23.28 -6.39
N GLN C 184 -5.43 23.20 -7.27
CA GLN C 184 -4.87 21.92 -7.71
C GLN C 184 -3.37 22.06 -7.86
N GLY C 185 -2.65 20.95 -7.74
CA GLY C 185 -1.20 20.97 -7.84
C GLY C 185 -0.68 19.75 -8.59
N HIS C 186 0.52 19.91 -9.15
CA HIS C 186 1.17 18.83 -9.89
C HIS C 186 2.65 19.13 -9.98
N GLY C 187 3.45 18.08 -10.15
CA GLY C 187 4.89 18.23 -10.16
C GLY C 187 5.64 17.08 -10.81
N LYS C 188 6.94 17.04 -10.55
CA LYS C 188 7.87 16.14 -11.24
C LYS C 188 9.16 16.05 -10.45
N ILE C 189 9.78 14.87 -10.49
CA ILE C 189 11.06 14.59 -9.84
C ILE C 189 12.07 14.20 -10.91
N GLU C 190 13.28 14.74 -10.80
CA GLU C 190 14.31 14.50 -11.81
C GLU C 190 15.65 14.21 -11.13
N HIS C 191 16.57 13.64 -11.92
CA HIS C 191 18.00 13.59 -11.59
C HIS C 191 18.30 12.72 -10.37
N LEU C 192 17.55 11.63 -10.21
CA LEU C 192 17.87 10.64 -9.18
C LEU C 192 18.68 9.49 -9.77
N LYS C 193 19.56 8.91 -8.95
CA LYS C 193 20.43 7.84 -9.41
C LYS C 193 19.63 6.63 -9.87
N SER C 194 18.55 6.29 -9.16
CA SER C 194 17.69 5.19 -9.56
C SER C 194 16.71 5.69 -10.62
N PRO C 195 16.66 5.05 -11.80
CA PRO C 195 15.81 5.60 -12.87
C PRO C 195 14.32 5.46 -12.61
N GLU C 196 13.89 4.41 -11.92
CA GLU C 196 12.46 4.24 -11.64
C GLU C 196 11.91 5.25 -10.65
N LEU C 197 12.76 6.09 -10.04
CA LEU C 197 12.31 7.06 -9.06
C LEU C 197 12.07 8.45 -9.64
N ASN C 198 12.61 8.75 -10.81
CA ASN C 198 12.30 10.01 -11.49
C ASN C 198 10.87 9.96 -12.02
N VAL C 199 9.91 10.34 -11.17
CA VAL C 199 8.50 10.10 -11.43
C VAL C 199 7.77 11.43 -11.58
N ASP C 200 6.54 11.35 -12.08
CA ASP C 200 5.64 12.50 -12.17
C ASP C 200 4.69 12.49 -10.98
N LEU C 201 4.46 13.66 -10.42
CA LEU C 201 3.52 13.84 -9.31
C LEU C 201 2.17 14.28 -9.88
N ALA C 202 1.23 13.34 -9.94
CA ALA C 202 -0.02 13.57 -10.67
C ALA C 202 -0.83 14.70 -10.06
N ALA C 203 -1.67 15.30 -10.89
CA ALA C 203 -2.51 16.41 -10.45
C ALA C 203 -3.56 15.90 -9.46
N SER C 204 -3.65 16.56 -8.32
CA SER C 204 -4.68 16.25 -7.33
C SER C 204 -5.10 17.53 -6.64
N ASP C 205 -6.28 17.49 -6.02
CA ASP C 205 -6.89 18.68 -5.46
C ASP C 205 -6.26 19.04 -4.12
N ILE C 206 -6.32 20.32 -3.78
CA ILE C 206 -5.91 20.79 -2.46
C ILE C 206 -7.06 20.55 -1.49
N LYS C 207 -6.76 19.89 -0.37
CA LYS C 207 -7.74 19.54 0.64
C LYS C 207 -7.35 20.10 2.00
N PRO C 208 -8.33 20.35 2.86
CA PRO C 208 -8.03 20.64 4.27
C PRO C 208 -7.96 19.38 5.11
N ASP C 209 -6.95 19.26 5.96
CA ASP C 209 -6.81 18.09 6.82
C ASP C 209 -7.67 18.29 8.07
N LYS C 210 -7.44 17.45 9.09
CA LYS C 210 -8.26 17.51 10.29
C LYS C 210 -8.09 18.84 11.01
N LYS C 211 -6.88 19.39 11.01
CA LYS C 211 -6.62 20.71 11.55
C LYS C 211 -6.78 21.81 10.51
N ARG C 212 -7.34 21.48 9.35
CA ARG C 212 -7.64 22.45 8.27
C ARG C 212 -6.39 23.10 7.72
N HIS C 213 -5.30 22.33 7.63
CA HIS C 213 -4.13 22.76 6.89
C HIS C 213 -4.29 22.39 5.41
N ALA C 214 -3.52 23.07 4.56
CA ALA C 214 -3.57 22.85 3.13
C ALA C 214 -2.66 21.69 2.78
N VAL C 215 -3.23 20.58 2.31
CA VAL C 215 -2.47 19.39 1.96
C VAL C 215 -2.93 18.88 0.60
N ILE C 216 -2.00 18.23 -0.11
CA ILE C 216 -2.25 17.67 -1.43
C ILE C 216 -1.83 16.21 -1.40
N SER C 217 -2.74 15.32 -1.78
CA SER C 217 -2.47 13.88 -1.81
C SER C 217 -2.79 13.36 -3.19
N GLY C 218 -1.77 12.87 -3.90
CA GLY C 218 -1.95 12.45 -5.27
C GLY C 218 -1.22 11.16 -5.59
N SER C 219 -1.32 10.76 -6.85
CA SER C 219 -0.67 9.55 -7.35
C SER C 219 0.70 9.88 -7.92
N VAL C 220 1.58 8.89 -7.88
CA VAL C 220 2.90 8.97 -8.49
C VAL C 220 2.88 8.22 -9.82
N LEU C 221 3.34 8.88 -10.87
CA LEU C 221 3.28 8.33 -12.23
C LEU C 221 4.68 8.17 -12.80
N TYR C 222 4.93 7.03 -13.45
CA TYR C 222 6.16 6.78 -14.19
C TYR C 222 5.76 6.41 -15.62
N ASN C 223 5.92 7.36 -16.55
CA ASN C 223 5.44 7.20 -17.93
C ASN C 223 3.93 6.91 -17.93
N GLN C 224 3.18 7.76 -17.21
CA GLN C 224 1.73 7.66 -17.09
C GLN C 224 1.30 6.35 -16.45
N ALA C 225 2.17 5.75 -15.64
CA ALA C 225 1.89 4.51 -14.94
C ALA C 225 1.88 4.77 -13.44
N GLU C 226 0.79 4.40 -12.78
CA GLU C 226 0.68 4.58 -11.35
C GLU C 226 1.61 3.61 -10.63
N LYS C 227 2.54 4.15 -9.84
CA LYS C 227 3.50 3.33 -9.11
C LYS C 227 3.72 3.85 -7.69
N GLY C 228 2.69 4.41 -7.07
CA GLY C 228 2.80 4.87 -5.72
C GLY C 228 1.97 6.12 -5.52
N SER C 229 2.30 6.88 -4.47
CA SER C 229 1.54 8.06 -4.12
C SER C 229 2.46 9.09 -3.49
N TYR C 230 1.95 10.30 -3.32
CA TYR C 230 2.73 11.36 -2.69
C TYR C 230 1.80 12.26 -1.89
N SER C 231 2.34 12.80 -0.80
CA SER C 231 1.63 13.72 0.07
C SER C 231 2.52 14.93 0.32
N LEU C 232 1.97 16.13 0.08
CA LEU C 232 2.66 17.38 0.31
C LEU C 232 1.79 18.26 1.21
N GLY C 233 2.46 19.09 2.01
CA GLY C 233 1.79 20.09 2.80
C GLY C 233 2.27 21.46 2.39
N ILE C 234 1.37 22.44 2.45
CA ILE C 234 1.70 23.81 2.10
C ILE C 234 2.07 24.55 3.38
N PHE C 235 3.23 25.22 3.35
CA PHE C 235 3.77 25.89 4.52
C PHE C 235 4.10 27.33 4.17
N GLY C 236 3.97 28.20 5.16
CA GLY C 236 4.19 29.62 4.98
C GLY C 236 2.89 30.39 4.90
N GLY C 237 2.86 31.59 5.49
CA GLY C 237 1.65 32.38 5.49
C GLY C 237 1.17 32.76 4.10
N GLN C 238 2.10 32.87 3.15
CA GLN C 238 1.77 33.17 1.75
C GLN C 238 1.98 31.95 0.85
N ALA C 239 1.89 30.75 1.42
CA ALA C 239 2.08 29.49 0.68
C ALA C 239 3.44 29.47 -0.01
N GLN C 240 4.48 29.87 0.74
CA GLN C 240 5.81 29.98 0.15
C GLN C 240 6.39 28.62 -0.20
N GLU C 241 6.16 27.61 0.63
CA GLU C 241 6.88 26.36 0.51
C GLU C 241 5.92 25.18 0.51
N VAL C 242 6.42 24.04 0.05
CA VAL C 242 5.72 22.76 0.17
C VAL C 242 6.71 21.75 0.73
N ALA C 243 6.19 20.78 1.47
CA ALA C 243 7.05 19.77 2.06
C ALA C 243 6.25 18.51 2.34
N GLY C 244 6.84 17.35 2.03
CA GLY C 244 6.16 16.09 2.23
C GLY C 244 7.01 14.91 1.80
N SER C 245 6.37 13.84 1.33
CA SER C 245 7.10 12.64 0.95
C SER C 245 6.34 11.91 -0.14
N ALA C 246 7.00 10.90 -0.72
CA ALA C 246 6.42 10.08 -1.77
C ALA C 246 6.87 8.64 -1.62
N GLU C 247 5.95 7.71 -1.88
CA GLU C 247 6.21 6.28 -1.82
C GLU C 247 6.06 5.69 -3.22
N VAL C 248 7.16 5.15 -3.76
CA VAL C 248 7.26 4.75 -5.17
C VAL C 248 7.66 3.28 -5.28
N GLU C 249 7.01 2.56 -6.20
CA GLU C 249 7.37 1.17 -6.49
C GLU C 249 8.54 1.08 -7.44
N THR C 250 9.45 0.13 -7.17
CA THR C 250 10.55 -0.20 -8.06
C THR C 250 10.66 -1.71 -8.19
N ALA C 251 11.53 -2.14 -9.10
CA ALA C 251 11.77 -3.57 -9.31
C ALA C 251 12.26 -4.27 -8.05
N ASN C 252 12.82 -3.53 -7.10
CA ASN C 252 13.25 -4.08 -5.82
C ASN C 252 12.38 -3.57 -4.68
N GLY C 253 11.07 -3.47 -4.91
CA GLY C 253 10.16 -3.10 -3.85
C GLY C 253 9.94 -1.61 -3.74
N ILE C 254 9.27 -1.25 -2.65
CA ILE C 254 8.87 0.14 -2.41
C ILE C 254 10.04 0.94 -1.84
N ARG C 255 10.27 2.13 -2.38
CA ARG C 255 11.25 3.09 -1.89
C ARG C 255 10.52 4.35 -1.46
N HIS C 256 11.07 5.03 -0.44
CA HIS C 256 10.51 6.24 0.11
C HIS C 256 11.41 7.44 -0.18
N ILE C 257 10.81 8.57 -0.53
CA ILE C 257 11.53 9.77 -0.92
C ILE C 257 11.01 10.96 -0.14
N GLY C 258 11.93 11.80 0.34
CA GLY C 258 11.57 13.05 0.99
C GLY C 258 11.54 14.20 -0.01
N LEU C 259 10.52 15.04 0.12
CA LEU C 259 10.26 16.14 -0.80
C LEU C 259 10.21 17.46 -0.02
N ALA C 260 10.89 18.49 -0.54
CA ALA C 260 10.77 19.82 0.05
C ALA C 260 11.14 20.85 -1.00
N ALA C 261 10.22 21.76 -1.31
CA ALA C 261 10.47 22.76 -2.34
C ALA C 261 9.96 24.13 -1.88
N LYS C 262 10.45 25.17 -2.56
CA LYS C 262 10.07 26.54 -2.23
C LYS C 262 10.13 27.41 -3.48
N GLN C 263 9.25 28.41 -3.52
CA GLN C 263 9.32 29.45 -4.54
C GLN C 263 10.36 30.50 -4.15
N LEU C 264 10.72 31.34 -5.12
CA LEU C 264 11.74 32.37 -4.88
C LEU C 264 11.15 33.77 -4.96
S SO4 D . -0.03 -31.72 -34.86
O1 SO4 D . -0.04 -31.08 -36.17
O2 SO4 D . 1.23 -31.41 -34.18
O3 SO4 D . -1.15 -31.24 -34.06
O4 SO4 D . -0.14 -33.17 -35.03
C1 EDO E . 22.15 -40.61 -7.13
O1 EDO E . 21.07 -41.18 -7.87
C2 EDO E . 22.89 -39.60 -8.00
O2 EDO E . 23.37 -40.24 -9.19
C1 EDO F . 8.88 -19.82 -25.50
O1 EDO F . 9.82 -19.68 -26.57
C2 EDO F . 9.49 -19.26 -24.22
O2 EDO F . 9.86 -17.88 -24.44
C1 EDO G . 10.45 -31.70 -25.35
O1 EDO G . 9.96 -31.70 -26.69
C2 EDO G . 11.95 -31.40 -25.35
O2 EDO G . 12.18 -30.08 -25.86
C1 EDO H . 3.31 -4.12 -31.32
O1 EDO H . 4.38 -3.77 -32.21
C2 EDO H . 3.62 -3.59 -29.93
O2 EDO H . 3.81 -2.16 -29.98
C1 EDO I . 17.03 -16.38 -29.31
O1 EDO I . 16.05 -17.08 -30.10
C2 EDO I . 17.07 -14.92 -29.75
O2 EDO I . 15.75 -14.39 -29.73
C1 EDO J . 9.19 -13.28 -18.80
O1 EDO J . 9.53 -13.86 -17.53
C2 EDO J . 10.46 -12.76 -19.47
O2 EDO J . 10.10 -12.03 -20.66
CL CL K . 9.83 -14.44 -5.78
CL CL L . 53.89 -38.32 3.36
S SO4 M . -12.12 -7.11 19.87
O1 SO4 M . -12.00 -5.75 19.36
O2 SO4 M . -11.11 -7.34 20.89
O3 SO4 M . -13.46 -7.31 20.43
O4 SO4 M . -11.92 -8.06 18.77
C1 EDO N . -10.68 -10.31 -7.98
O1 EDO N . -10.75 -11.05 -9.20
C2 EDO N . -9.22 -9.95 -7.71
O2 EDO N . -8.70 -9.17 -8.78
C1 EDO O . -28.87 24.43 23.66
O1 EDO O . -30.25 24.34 23.30
C2 EDO O . -28.42 25.89 23.60
O2 EDO O . -28.78 26.44 22.33
CL CL P . -9.54 6.64 8.40
CL CL Q . -14.31 8.34 19.05
S SO4 R . 5.24 34.73 6.64
O1 SO4 R . 6.10 35.12 5.52
O2 SO4 R . 5.73 35.36 7.86
O3 SO4 R . 3.88 35.17 6.37
O4 SO4 R . 5.27 33.29 6.80
C1 EDO S . 2.36 17.26 5.06
O1 EDO S . 1.27 17.51 5.97
C2 EDO S . 2.70 15.78 5.08
O2 EDO S . 1.53 15.02 4.77
C1 EDO T . -6.57 13.50 7.95
O1 EDO T . -7.52 14.21 7.15
C2 EDO T . -5.58 14.48 8.56
O2 EDO T . -4.68 13.77 9.42
C1 EDO U . 15.07 1.52 1.68
O1 EDO U . 13.72 1.79 1.29
C2 EDO U . 15.31 0.02 1.71
O2 EDO U . 14.56 -0.58 2.78
#